data_3SJN
#
_entry.id   3SJN
#
_cell.length_a   109.207
_cell.length_b   109.207
_cell.length_c   141.034
_cell.angle_alpha   90.00
_cell.angle_beta   90.00
_cell.angle_gamma   90.00
#
_symmetry.space_group_name_H-M   'I 4'
#
loop_
_entity.id
_entity.type
_entity.pdbx_description
1 polymer 'Mandelate racemase/muconate lactonizing protein'
2 non-polymer 'MAGNESIUM ION'
3 non-polymer 'UNKNOWN LIGAND'
4 non-polymer GLYCEROL
5 water water
#
_entity_poly.entity_id   1
_entity_poly.type   'polypeptide(L)'
_entity_poly.pdbx_seq_one_letter_code
;MVLKITDIEVLHLRVPAMDADCEWGEDAVIVKVHTDKGIVGVGEADSSPLVVQACIEAPQTNFYCNGLKRLLIGENALEI
ERLWNKMYWGSNYMGRRGAGIHAISAIDIALWDIAGQFYGVPVHTLLGGKYRDKIRCYGTFIPADKPEDNVAIVQGLKDQ
GFSSIKFGGGVMGDDPDTDYAIVKAVREAAGPEMEVQIDLASKWHTCGHSAMMAKRLEEFNLNWIEEPVLADSLISYEKL
SRQVSQKIAGGESLTTRYEFQEFITKSNADIVQPDITRCGGITEMKKIYDIAQMNGTQLIPHGFSTGILLHASVHFLAAC
EQGTLMEFSQSSSPLFTSLVKNQLQFDNGFVAVSDAPGLGIELDEELIAKYRVN
;
_entity_poly.pdbx_strand_id   A,B
#
loop_
_chem_comp.id
_chem_comp.type
_chem_comp.name
_chem_comp.formula
GOL non-polymer GLYCEROL 'C3 H8 O3'
MG non-polymer 'MAGNESIUM ION' 'Mg 2'
UNL non-polymer 'UNKNOWN LIGAND' ?
#
# COMPACT_ATOMS: atom_id res chain seq x y z
N VAL A 2 5.15 -20.59 27.51
CA VAL A 2 5.33 -19.96 26.16
C VAL A 2 5.61 -18.46 26.28
N LEU A 3 6.33 -17.91 25.32
CA LEU A 3 6.71 -16.50 25.39
C LEU A 3 5.60 -15.63 24.83
N LYS A 4 4.95 -14.83 25.69
CA LYS A 4 3.79 -14.07 25.24
C LYS A 4 4.04 -12.60 25.06
N ILE A 5 3.55 -12.04 23.94
CA ILE A 5 3.55 -10.61 23.72
C ILE A 5 2.59 -9.93 24.73
N THR A 6 3.12 -8.95 25.44
CA THR A 6 2.32 -8.23 26.45
C THR A 6 2.02 -6.77 26.08
N ASP A 7 2.86 -6.16 25.25
CA ASP A 7 2.61 -4.78 24.79
C ASP A 7 3.37 -4.52 23.49
N ILE A 8 2.93 -3.50 22.75
CA ILE A 8 3.65 -3.01 21.60
C ILE A 8 3.70 -1.52 21.76
N GLU A 9 4.90 -0.97 21.82
CA GLU A 9 5.09 0.43 22.15
C GLU A 9 5.63 1.11 20.92
N VAL A 10 4.96 2.17 20.45
CA VAL A 10 5.39 2.85 19.23
C VAL A 10 5.95 4.22 19.60
N LEU A 11 7.13 4.55 19.09
CA LEU A 11 7.78 5.80 19.44
C LEU A 11 8.11 6.62 18.20
N HIS A 12 7.47 7.78 18.13
CA HIS A 12 7.71 8.77 17.08
C HIS A 12 8.84 9.68 17.54
N LEU A 13 9.95 9.64 16.81
CA LEU A 13 11.10 10.50 17.07
C LEU A 13 11.21 11.48 15.91
N ARG A 14 11.48 12.76 16.22
CA ARG A 14 11.65 13.79 15.18
C ARG A 14 12.68 14.84 15.59
N VAL A 15 13.53 15.24 14.62
CA VAL A 15 14.58 16.25 14.83
C VAL A 15 14.12 17.71 14.56
N PRO A 16 13.54 18.01 13.37
CA PRO A 16 12.99 19.36 13.22
C PRO A 16 11.52 19.48 13.65
N ALA A 17 10.95 20.68 13.48
CA ALA A 17 9.58 20.98 13.89
C ALA A 17 8.54 20.24 13.04
N MET A 18 7.38 19.98 13.64
CA MET A 18 6.28 19.25 12.99
C MET A 18 5.66 19.95 11.76
N ASP A 19 5.98 21.24 11.59
CA ASP A 19 5.55 22.00 10.41
C ASP A 19 6.71 22.26 9.45
N ALA A 20 7.94 22.06 9.93
CA ALA A 20 9.15 22.36 9.16
C ALA A 20 9.50 21.29 8.11
N ASP A 21 10.49 21.60 7.27
CA ASP A 21 11.02 20.66 6.27
C ASP A 21 11.77 19.51 6.93
N CYS A 22 11.88 18.39 6.20
CA CYS A 22 12.52 17.18 6.71
C CYS A 22 13.25 16.43 5.58
N GLU A 23 14.53 16.15 5.83
CA GLU A 23 15.36 15.36 4.92
C GLU A 23 15.23 13.88 5.27
N TRP A 24 15.91 13.01 4.52
CA TRP A 24 16.04 11.59 4.89
C TRP A 24 16.85 11.44 6.18
N GLY A 25 16.22 10.85 7.19
CA GLY A 25 16.90 10.55 8.46
C GLY A 25 16.69 11.50 9.62
N GLU A 26 15.82 12.50 9.44
CA GLU A 26 15.50 13.49 10.49
C GLU A 26 14.21 13.16 11.27
N ASP A 27 13.53 12.09 10.87
CA ASP A 27 12.51 11.48 11.74
C ASP A 27 12.57 9.96 11.67
N ALA A 28 11.98 9.30 12.67
CA ALA A 28 11.92 7.85 12.73
C ALA A 28 10.66 7.39 13.46
N VAL A 29 10.24 6.15 13.19
CA VAL A 29 9.22 5.49 13.98
C VAL A 29 9.79 4.15 14.42
N ILE A 30 9.86 3.93 15.72
CA ILE A 30 10.41 2.68 16.22
C ILE A 30 9.38 1.95 17.05
N VAL A 31 9.48 0.63 17.06
CA VAL A 31 8.53 -0.17 17.81
CA VAL A 31 8.54 -0.18 17.80
C VAL A 31 9.29 -1.00 18.83
N LYS A 32 8.71 -1.11 20.03
CA LYS A 32 9.20 -2.00 21.04
C LYS A 32 8.12 -3.05 21.27
N VAL A 33 8.48 -4.30 21.08
CA VAL A 33 7.55 -5.38 21.41
C VAL A 33 7.98 -5.96 22.76
N HIS A 34 7.06 -5.91 23.70
CA HIS A 34 7.28 -6.39 25.07
C HIS A 34 6.73 -7.80 25.25
N THR A 35 7.45 -8.60 26.02
CA THR A 35 7.01 -9.96 26.32
C THR A 35 6.95 -10.19 27.85
N ASP A 36 6.25 -11.25 28.25
CA ASP A 36 6.10 -11.62 29.66
C ASP A 36 7.38 -12.06 30.37
N LYS A 37 8.44 -12.37 29.60
CA LYS A 37 9.73 -12.79 30.19
C LYS A 37 10.67 -11.58 30.28
N GLY A 38 10.18 -10.43 29.86
CA GLY A 38 10.97 -9.22 29.98
C GLY A 38 12.03 -9.09 28.92
N ILE A 39 11.78 -9.75 27.80
CA ILE A 39 12.57 -9.60 26.62
C ILE A 39 11.84 -8.59 25.75
N VAL A 40 12.54 -7.51 25.38
CA VAL A 40 12.01 -6.47 24.47
CA VAL A 40 12.01 -6.51 24.47
C VAL A 40 12.73 -6.57 23.13
N GLY A 41 11.95 -6.56 22.05
CA GLY A 41 12.50 -6.56 20.72
C GLY A 41 12.30 -5.19 20.11
N VAL A 42 13.28 -4.75 19.34
CA VAL A 42 13.22 -3.42 18.72
C VAL A 42 13.18 -3.51 17.19
N GLY A 43 12.26 -2.78 16.58
CA GLY A 43 12.21 -2.70 15.13
C GLY A 43 11.97 -1.26 14.73
N GLU A 44 11.99 -0.98 13.44
CA GLU A 44 11.58 0.34 12.92
C GLU A 44 11.05 0.20 11.50
N ALA A 45 10.41 1.26 11.01
CA ALA A 45 9.91 1.31 9.65
C ALA A 45 10.37 2.61 9.01
N ASP A 46 10.90 2.57 7.79
CA ASP A 46 11.24 3.78 7.07
C ASP A 46 10.07 4.17 6.21
N SER A 47 9.27 5.01 6.77
CA SER A 47 7.97 5.34 6.25
C SER A 47 7.54 6.57 7.04
N SER A 48 6.31 7.01 6.85
CA SER A 48 5.75 8.11 7.65
C SER A 48 5.45 7.69 9.07
N PRO A 49 6.05 8.38 10.08
CA PRO A 49 5.81 7.92 11.44
C PRO A 49 4.36 7.97 11.89
N LEU A 50 3.61 8.98 11.45
CA LEU A 50 2.23 9.12 11.89
C LEU A 50 1.37 7.98 11.35
N VAL A 51 1.61 7.61 10.10
CA VAL A 51 0.85 6.56 9.42
C VAL A 51 1.15 5.17 10.03
N VAL A 52 2.44 4.88 10.22
CA VAL A 52 2.88 3.61 10.85
C VAL A 52 2.26 3.43 12.22
N GLN A 53 2.30 4.51 13.02
CA GLN A 53 1.67 4.52 14.33
C GLN A 53 0.18 4.18 14.28
N ALA A 54 -0.54 4.79 13.32
CA ALA A 54 -1.97 4.51 13.14
C ALA A 54 -2.24 3.06 12.71
N CYS A 55 -1.38 2.50 11.86
CA CYS A 55 -1.50 1.09 11.44
C CYS A 55 -1.36 0.12 12.62
N ILE A 56 -0.54 0.50 13.57
CA ILE A 56 -0.30 -0.35 14.73
C ILE A 56 -1.37 -0.15 15.80
N GLU A 57 -1.74 1.11 16.04
CA GLU A 57 -2.64 1.45 17.13
C GLU A 57 -4.12 1.43 16.75
N ALA A 58 -4.44 1.12 15.50
CA ALA A 58 -5.82 1.18 14.99
C ALA A 58 -6.75 0.14 15.63
N PRO A 59 -8.04 0.50 15.81
CA PRO A 59 -9.01 -0.48 16.31
C PRO A 59 -9.51 -1.38 15.18
N GLN A 60 -10.48 -2.25 15.49
CA GLN A 60 -11.15 -3.02 14.45
C GLN A 60 -12.08 -2.11 13.63
N THR A 61 -11.98 -2.23 12.30
CA THR A 61 -12.89 -1.57 11.35
C THR A 61 -13.83 -2.63 10.74
N ASN A 62 -13.26 -3.78 10.40
CA ASN A 62 -14.00 -5.01 10.07
C ASN A 62 -13.15 -6.23 10.41
N PHE A 63 -13.62 -7.42 10.04
CA PHE A 63 -12.90 -8.67 10.32
C PHE A 63 -11.50 -8.75 9.69
N TYR A 64 -11.31 -8.03 8.59
CA TYR A 64 -10.03 -8.02 7.87
C TYR A 64 -9.31 -6.69 8.04
N CYS A 65 -9.77 -5.89 9.00
CA CYS A 65 -9.18 -4.56 9.23
C CYS A 65 -9.01 -4.27 10.72
N ASN A 66 -7.91 -4.77 11.29
CA ASN A 66 -7.54 -4.55 12.68
C ASN A 66 -6.17 -3.90 12.71
N GLY A 67 -5.97 -2.99 13.65
CA GLY A 67 -4.64 -2.48 13.95
C GLY A 67 -3.78 -3.62 14.44
N LEU A 68 -2.49 -3.49 14.29
CA LEU A 68 -1.60 -4.64 14.50
C LEU A 68 -1.44 -5.02 15.97
N LYS A 69 -1.43 -4.02 16.85
CA LYS A 69 -1.28 -4.27 18.29
C LYS A 69 -2.35 -5.25 18.77
N ARG A 70 -3.61 -4.97 18.40
CA ARG A 70 -4.78 -5.80 18.73
C ARG A 70 -4.64 -7.29 18.36
N LEU A 71 -3.98 -7.57 17.22
CA LEU A 71 -3.82 -8.93 16.76
C LEU A 71 -2.71 -9.67 17.50
N LEU A 72 -1.81 -8.93 18.15
CA LEU A 72 -0.59 -9.50 18.68
C LEU A 72 -0.50 -9.60 20.20
N ILE A 73 -1.24 -8.76 20.94
CA ILE A 73 -1.26 -8.91 22.42
C ILE A 73 -1.78 -10.29 22.79
N GLY A 74 -1.02 -11.01 23.62
CA GLY A 74 -1.38 -12.34 24.07
C GLY A 74 -0.84 -13.41 23.15
N GLU A 75 -0.27 -13.02 22.00
CA GLU A 75 0.25 -14.04 21.09
C GLU A 75 1.63 -14.60 21.45
N ASN A 76 1.95 -15.75 20.86
CA ASN A 76 3.21 -16.42 21.10
C ASN A 76 4.30 -15.80 20.23
N ALA A 77 5.16 -14.97 20.83
CA ALA A 77 6.16 -14.17 20.09
C ALA A 77 7.14 -14.95 19.21
N LEU A 78 7.51 -16.16 19.64
CA LEU A 78 8.45 -17.01 18.88
C LEU A 78 7.93 -17.51 17.54
N GLU A 79 6.61 -17.54 17.37
CA GLU A 79 6.00 -18.06 16.15
C GLU A 79 5.95 -16.98 15.08
N ILE A 80 7.13 -16.52 14.64
CA ILE A 80 7.22 -15.31 13.85
C ILE A 80 6.47 -15.33 12.52
N GLU A 81 6.65 -16.40 11.72
CA GLU A 81 6.02 -16.45 10.39
C GLU A 81 4.50 -16.56 10.48
N ARG A 82 4.00 -17.31 11.45
CA ARG A 82 2.54 -17.39 11.69
C ARG A 82 1.96 -16.02 12.07
N LEU A 83 2.67 -15.28 12.92
CA LEU A 83 2.29 -13.90 13.25
C LEU A 83 2.39 -12.94 12.07
N TRP A 84 3.37 -13.14 11.19
CA TRP A 84 3.46 -12.35 9.96
C TRP A 84 2.16 -12.55 9.19
N ASN A 85 1.77 -13.82 9.02
CA ASN A 85 0.55 -14.15 8.28
C ASN A 85 -0.72 -13.69 8.97
N LYS A 86 -0.73 -13.73 10.30
CA LYS A 86 -1.83 -13.15 11.08
C LYS A 86 -2.01 -11.64 10.89
N MET A 87 -0.90 -10.90 10.91
CA MET A 87 -0.92 -9.47 10.68
C MET A 87 -1.34 -9.16 9.26
N TYR A 88 -0.83 -9.95 8.31
CA TYR A 88 -1.07 -9.71 6.89
C TYR A 88 -2.55 -9.89 6.55
N TRP A 89 -3.13 -10.99 7.03
CA TRP A 89 -4.56 -11.24 6.85
C TRP A 89 -5.44 -10.32 7.65
N GLY A 90 -5.07 -10.10 8.90
CA GLY A 90 -5.86 -9.34 9.85
C GLY A 90 -5.90 -7.85 9.58
N SER A 91 -4.93 -7.34 8.84
CA SER A 91 -4.89 -5.92 8.53
C SER A 91 -5.04 -5.71 7.04
N ASN A 92 -5.46 -6.77 6.34
CA ASN A 92 -5.39 -6.84 4.88
C ASN A 92 -6.10 -5.69 4.20
N TYR A 93 -7.23 -5.26 4.76
CA TYR A 93 -8.04 -4.18 4.19
C TYR A 93 -7.36 -2.81 4.14
N MET A 94 -6.56 -2.52 5.15
CA MET A 94 -5.85 -1.25 5.21
C MET A 94 -4.38 -1.43 4.86
N GLY A 95 -3.90 -2.67 4.97
CA GLY A 95 -2.52 -3.03 4.65
C GLY A 95 -2.43 -3.70 3.30
N ARG A 96 -1.85 -4.90 3.27
CA ARG A 96 -1.65 -5.72 2.05
C ARG A 96 -0.48 -5.23 1.17
N ARG A 97 -0.46 -3.93 0.90
CA ARG A 97 0.65 -3.28 0.19
C ARG A 97 0.91 -1.93 0.85
N GLY A 98 2.11 -1.36 0.68
CA GLY A 98 2.29 0.03 1.12
C GLY A 98 2.46 0.18 2.61
N ALA A 99 1.89 1.27 3.17
CA ALA A 99 2.13 1.64 4.56
C ALA A 99 1.87 0.57 5.61
N GLY A 100 0.78 -0.19 5.47
CA GLY A 100 0.55 -1.32 6.37
C GLY A 100 1.64 -2.39 6.41
N ILE A 101 2.28 -2.64 5.27
CA ILE A 101 3.41 -3.58 5.20
C ILE A 101 4.66 -2.97 5.86
N HIS A 102 4.80 -1.65 5.80
CA HIS A 102 5.93 -0.99 6.51
C HIS A 102 5.74 -1.20 8.02
N ALA A 103 4.49 -1.07 8.49
CA ALA A 103 4.16 -1.32 9.91
C ALA A 103 4.50 -2.76 10.31
N ILE A 104 4.10 -3.71 9.47
CA ILE A 104 4.44 -5.12 9.68
C ILE A 104 5.96 -5.32 9.73
N SER A 105 6.69 -4.68 8.84
CA SER A 105 8.15 -4.84 8.85
C SER A 105 8.77 -4.54 10.21
N ALA A 106 8.39 -3.40 10.79
CA ALA A 106 8.86 -2.96 12.10
C ALA A 106 8.62 -4.01 13.17
N ILE A 107 7.40 -4.53 13.24
CA ILE A 107 7.09 -5.55 14.23
C ILE A 107 7.87 -6.86 13.99
N ASP A 108 7.99 -7.24 12.73
CA ASP A 108 8.66 -8.49 12.37
C ASP A 108 10.12 -8.42 12.78
N ILE A 109 10.74 -7.28 12.51
CA ILE A 109 12.13 -7.06 12.94
C ILE A 109 12.27 -7.21 14.47
N ALA A 110 11.35 -6.60 15.21
CA ALA A 110 11.36 -6.73 16.67
C ALA A 110 11.16 -8.17 17.16
N LEU A 111 10.33 -8.94 16.45
CA LEU A 111 10.11 -10.35 16.81
C LEU A 111 11.36 -11.18 16.59
N TRP A 112 12.14 -10.89 15.55
CA TRP A 112 13.44 -11.60 15.33
C TRP A 112 14.48 -11.27 16.43
N ASP A 113 14.52 -10.00 16.82
CA ASP A 113 15.28 -9.52 17.99
C ASP A 113 14.89 -10.30 19.25
N ILE A 114 13.58 -10.43 19.49
CA ILE A 114 13.08 -11.20 20.62
C ILE A 114 13.53 -12.66 20.58
N ALA A 115 13.39 -13.29 19.42
CA ALA A 115 13.73 -14.71 19.30
C ALA A 115 15.19 -14.93 19.56
N GLY A 116 16.01 -14.09 18.94
CA GLY A 116 17.46 -14.20 19.18
C GLY A 116 17.82 -14.13 20.65
N GLN A 117 17.26 -13.14 21.37
CA GLN A 117 17.49 -13.01 22.82
C GLN A 117 16.98 -14.18 23.64
N PHE A 118 15.75 -14.60 23.38
CA PHE A 118 15.19 -15.77 24.04
C PHE A 118 16.06 -17.02 23.87
N TYR A 119 16.44 -17.30 22.64
CA TYR A 119 17.24 -18.48 22.31
C TYR A 119 18.72 -18.31 22.64
N GLY A 120 19.15 -17.07 22.87
CA GLY A 120 20.54 -16.77 23.21
C GLY A 120 21.52 -16.81 22.05
N VAL A 121 21.03 -16.52 20.83
CA VAL A 121 21.87 -16.54 19.63
C VAL A 121 21.64 -15.27 18.78
N PRO A 122 22.67 -14.84 18.02
CA PRO A 122 22.46 -13.74 17.09
C PRO A 122 21.41 -14.17 16.05
N VAL A 123 20.61 -13.20 15.62
CA VAL A 123 19.66 -13.42 14.53
C VAL A 123 20.26 -14.12 13.30
N HIS A 124 21.49 -13.78 12.89
CA HIS A 124 22.12 -14.50 11.77
C HIS A 124 22.21 -16.04 11.92
N THR A 125 22.31 -16.54 13.16
CA THR A 125 22.24 -18.00 13.43
C THR A 125 20.84 -18.53 13.10
N LEU A 126 19.81 -17.79 13.50
CA LEU A 126 18.42 -18.21 13.28
C LEU A 126 18.05 -18.16 11.80
N LEU A 127 18.75 -17.32 11.04
CA LEU A 127 18.54 -17.22 9.60
C LEU A 127 19.34 -18.24 8.79
N GLY A 128 20.15 -19.04 9.48
CA GLY A 128 20.87 -20.13 8.84
C GLY A 128 22.36 -20.19 9.10
N GLY A 129 22.94 -19.11 9.66
CA GLY A 129 24.35 -19.11 10.03
C GLY A 129 25.14 -18.13 9.19
N LYS A 130 26.28 -17.67 9.71
CA LYS A 130 27.00 -16.57 9.05
C LYS A 130 28.05 -17.05 8.07
N TYR A 131 28.11 -16.37 6.93
CA TYR A 131 29.03 -16.72 5.88
C TYR A 131 30.30 -15.87 5.92
N ARG A 132 30.26 -14.79 6.70
CA ARG A 132 31.31 -13.77 6.68
C ARG A 132 31.31 -13.02 8.02
N ASP A 133 32.48 -12.49 8.39
CA ASP A 133 32.65 -11.81 9.68
C ASP A 133 32.51 -10.30 9.52
N LYS A 134 32.48 -9.86 8.26
CA LYS A 134 32.23 -8.47 7.93
C LYS A 134 31.61 -8.34 6.53
N ILE A 135 30.96 -7.20 6.30
CA ILE A 135 30.25 -6.95 5.05
C ILE A 135 30.79 -5.66 4.44
N ARG A 136 31.18 -5.76 3.16
CA ARG A 136 31.59 -4.62 2.35
C ARG A 136 30.47 -3.61 2.16
N CYS A 137 30.81 -2.33 2.29
CA CYS A 137 29.83 -1.26 2.17
C CYS A 137 30.12 -0.32 1.03
N TYR A 138 29.07 0.31 0.53
CA TYR A 138 29.20 1.48 -0.30
C TYR A 138 28.63 2.70 0.42
N GLY A 139 29.26 3.86 0.22
CA GLY A 139 28.85 5.08 0.89
C GLY A 139 27.98 5.91 -0.01
N THR A 140 27.04 6.64 0.57
CA THR A 140 26.17 7.53 -0.22
C THR A 140 26.23 8.98 0.23
N PHE A 141 25.98 9.87 -0.72
CA PHE A 141 25.89 11.29 -0.45
C PHE A 141 24.92 11.98 -1.40
N ILE A 142 24.34 13.08 -0.93
CA ILE A 142 23.55 13.96 -1.78
C ILE A 142 24.55 14.95 -2.39
N PRO A 143 24.61 15.03 -3.73
CA PRO A 143 25.62 15.84 -4.40
C PRO A 143 25.40 17.35 -4.25
N ALA A 144 26.49 18.11 -4.19
CA ALA A 144 26.43 19.58 -4.13
C ALA A 144 26.01 20.14 -5.48
N ASP A 145 25.27 21.25 -5.45
CA ASP A 145 24.70 21.89 -6.64
C ASP A 145 25.74 22.23 -7.71
N LYS A 146 26.83 22.87 -7.28
CA LYS A 146 27.99 23.11 -8.13
C LYS A 146 28.79 21.82 -8.24
N PRO A 147 29.07 21.37 -9.48
CA PRO A 147 29.75 20.10 -9.80
C PRO A 147 31.07 19.85 -9.06
N GLU A 148 31.99 20.81 -9.14
CA GLU A 148 33.35 20.64 -8.57
C GLU A 148 33.43 20.79 -7.05
N ASP A 149 32.30 21.08 -6.41
CA ASP A 149 32.20 21.11 -4.94
C ASP A 149 32.01 19.70 -4.35
N ASN A 150 31.90 18.70 -5.21
CA ASN A 150 31.73 17.32 -4.79
C ASN A 150 33.03 16.57 -4.54
N VAL A 151 34.14 17.17 -4.98
CA VAL A 151 35.48 16.59 -4.81
C VAL A 151 35.78 16.39 -3.31
N ALA A 152 35.49 17.41 -2.51
CA ALA A 152 35.67 17.37 -1.06
C ALA A 152 34.86 16.24 -0.37
N ILE A 153 33.63 16.02 -0.82
CA ILE A 153 32.80 14.93 -0.32
C ILE A 153 33.38 13.56 -0.71
N VAL A 154 33.73 13.40 -1.99
CA VAL A 154 34.29 12.16 -2.52
C VAL A 154 35.63 11.76 -1.85
N GLN A 155 36.53 12.73 -1.73
CA GLN A 155 37.82 12.53 -1.05
C GLN A 155 37.61 12.20 0.43
N GLY A 156 36.62 12.82 1.05
CA GLY A 156 36.23 12.53 2.43
C GLY A 156 35.76 11.09 2.65
N LEU A 157 35.17 10.50 1.62
CA LEU A 157 34.73 9.10 1.68
C LEU A 157 35.87 8.14 1.36
N LYS A 158 36.83 8.60 0.54
CA LYS A 158 37.97 7.79 0.11
C LYS A 158 38.94 7.45 1.24
N ASP A 159 39.20 8.42 2.13
CA ASP A 159 40.10 8.17 3.25
C ASP A 159 39.38 7.54 4.45
N GLN A 160 38.05 7.54 4.38
CA GLN A 160 37.22 6.73 5.27
C GLN A 160 37.37 5.25 4.95
N GLY A 161 37.70 4.95 3.69
CA GLY A 161 37.97 3.57 3.27
C GLY A 161 37.01 3.00 2.25
N PHE A 162 36.05 3.81 1.81
CA PHE A 162 35.06 3.39 0.82
C PHE A 162 35.69 3.09 -0.54
N SER A 163 35.41 1.90 -1.05
CA SER A 163 35.90 1.48 -2.37
C SER A 163 34.75 1.51 -3.37
N SER A 164 33.60 2.01 -2.91
CA SER A 164 32.38 2.03 -3.69
C SER A 164 31.50 3.16 -3.15
N ILE A 165 30.98 3.99 -4.04
CA ILE A 165 30.15 5.14 -3.65
C ILE A 165 28.92 5.34 -4.53
N LYS A 166 27.84 5.81 -3.91
CA LYS A 166 26.59 6.14 -4.61
C LYS A 166 26.16 7.57 -4.33
N PHE A 167 25.64 8.25 -5.34
CA PHE A 167 25.07 9.57 -5.10
C PHE A 167 23.80 9.83 -5.88
N GLY A 168 22.98 10.71 -5.32
CA GLY A 168 21.74 11.14 -5.93
C GLY A 168 20.85 11.93 -4.99
N GLY A 169 19.68 12.33 -5.48
CA GLY A 169 18.80 13.23 -4.73
C GLY A 169 19.25 14.66 -4.87
N GLY A 170 18.59 15.56 -4.15
CA GLY A 170 18.86 16.99 -4.24
C GLY A 170 18.41 17.56 -5.57
N VAL A 171 19.38 17.84 -6.44
CA VAL A 171 19.09 18.41 -7.77
C VAL A 171 19.52 17.43 -8.88
N MET A 172 19.61 16.15 -8.52
CA MET A 172 20.01 15.11 -9.48
C MET A 172 18.86 14.74 -10.42
N GLY A 173 19.20 14.70 -11.69
CA GLY A 173 18.33 14.41 -12.82
C GLY A 173 17.76 15.61 -13.58
N ASP A 174 17.86 16.79 -12.99
CA ASP A 174 17.29 18.01 -13.58
C ASP A 174 17.90 18.48 -14.90
N ASP A 175 19.20 18.48 -15.08
CA ASP A 175 19.71 18.94 -16.34
C ASP A 175 20.61 17.99 -17.02
N PRO A 176 20.34 17.65 -18.28
CA PRO A 176 21.33 16.72 -18.86
C PRO A 176 22.78 17.20 -18.81
N ASP A 177 23.00 18.51 -18.94
CA ASP A 177 24.35 19.08 -18.83
C ASP A 177 24.82 19.16 -17.39
N THR A 178 23.89 19.46 -16.48
CA THR A 178 24.19 19.54 -15.04
C THR A 178 24.41 18.14 -14.46
N ASP A 179 23.65 17.17 -14.95
CA ASP A 179 23.85 15.76 -14.61
C ASP A 179 25.23 15.27 -15.06
N TYR A 180 25.61 15.63 -16.29
CA TYR A 180 26.90 15.22 -16.86
C TYR A 180 28.09 15.80 -16.09
N ALA A 181 27.97 17.06 -15.69
CA ALA A 181 29.04 17.78 -15.00
C ALA A 181 29.30 17.32 -13.57
N ILE A 182 28.24 16.89 -12.89
CA ILE A 182 28.37 16.33 -11.53
C ILE A 182 29.01 14.93 -11.57
N VAL A 183 28.61 14.12 -12.54
CA VAL A 183 29.15 12.78 -12.74
C VAL A 183 30.61 12.82 -13.20
N LYS A 184 30.93 13.86 -13.99
CA LYS A 184 32.32 14.17 -14.38
C LYS A 184 33.19 14.38 -13.14
N ALA A 185 32.79 15.35 -12.31
CA ALA A 185 33.57 15.80 -11.17
C ALA A 185 33.73 14.80 -10.03
N VAL A 186 32.93 13.72 -10.04
CA VAL A 186 33.05 12.68 -9.00
C VAL A 186 33.89 11.49 -9.42
N ARG A 187 33.86 11.14 -10.71
CA ARG A 187 34.71 10.07 -11.23
C ARG A 187 36.18 10.52 -11.27
N GLU A 188 36.40 11.78 -11.66
CA GLU A 188 37.74 12.37 -11.65
C GLU A 188 38.29 12.45 -10.23
N ALA A 189 37.42 12.78 -9.28
CA ALA A 189 37.79 12.88 -7.86
C ALA A 189 38.04 11.51 -7.21
N ALA A 190 37.41 10.47 -7.77
CA ALA A 190 37.51 9.12 -7.22
C ALA A 190 38.57 8.26 -7.89
N GLY A 191 38.88 8.56 -9.14
CA GLY A 191 39.83 7.75 -9.91
C GLY A 191 39.16 6.57 -10.60
N PRO A 192 39.95 5.78 -11.35
CA PRO A 192 39.43 4.70 -12.21
C PRO A 192 39.22 3.34 -11.53
N GLU A 193 39.63 3.20 -10.27
CA GLU A 193 39.48 1.94 -9.53
C GLU A 193 38.15 1.84 -8.80
N MET A 194 37.69 2.99 -8.28
CA MET A 194 36.47 3.11 -7.49
C MET A 194 35.21 2.67 -8.23
N GLU A 195 34.34 1.96 -7.54
CA GLU A 195 32.98 1.72 -8.02
C GLU A 195 32.18 2.99 -7.78
N VAL A 196 31.56 3.52 -8.83
CA VAL A 196 30.71 4.69 -8.70
C VAL A 196 29.33 4.34 -9.29
N GLN A 197 28.29 4.54 -8.50
CA GLN A 197 26.91 4.27 -8.95
C GLN A 197 26.06 5.50 -8.71
N ILE A 198 25.00 5.65 -9.51
CA ILE A 198 24.11 6.81 -9.40
C ILE A 198 22.68 6.43 -9.06
N ASP A 199 22.03 7.29 -8.29
CA ASP A 199 20.63 7.11 -7.92
C ASP A 199 19.81 8.36 -8.27
N LEU A 200 18.81 8.18 -9.12
CA LEU A 200 18.03 9.31 -9.62
C LEU A 200 16.72 9.55 -8.87
N ALA A 201 16.33 8.58 -8.03
CA ALA A 201 15.05 8.62 -7.31
C ALA A 201 13.88 8.96 -8.26
N SER A 202 13.95 8.36 -9.45
CA SER A 202 12.91 8.41 -10.51
C SER A 202 12.92 9.69 -11.38
N LYS A 203 13.88 10.56 -11.17
CA LYS A 203 13.86 11.88 -11.77
C LYS A 203 14.12 12.02 -13.22
N TRP A 204 14.46 10.95 -13.89
CA TRP A 204 14.62 11.00 -15.36
C TRP A 204 13.29 10.77 -16.04
N HIS A 205 12.27 10.43 -15.24
CA HIS A 205 10.84 10.36 -15.62
C HIS A 205 10.47 9.30 -16.66
N THR A 206 11.09 9.39 -17.83
CA THR A 206 10.73 8.56 -18.98
C THR A 206 11.89 7.67 -19.45
N CYS A 207 11.52 6.63 -20.18
CA CYS A 207 12.44 5.64 -20.75
C CYS A 207 13.46 6.23 -21.73
N GLY A 208 13.02 7.20 -22.54
CA GLY A 208 13.87 7.78 -23.58
C GLY A 208 14.94 8.71 -23.04
N HIS A 209 14.56 9.55 -22.06
CA HIS A 209 15.51 10.45 -21.38
C HIS A 209 16.56 9.68 -20.61
N SER A 210 16.15 8.56 -20.00
CA SER A 210 17.05 7.68 -19.28
C SER A 210 18.09 7.01 -20.17
N ALA A 211 17.67 6.56 -21.36
CA ALA A 211 18.58 5.86 -22.28
C ALA A 211 19.61 6.80 -22.92
N MET A 212 19.17 8.02 -23.26
CA MET A 212 20.02 9.04 -23.87
C MET A 212 21.10 9.48 -22.89
N MET A 213 20.72 9.66 -21.63
CA MET A 213 21.62 10.05 -20.57
C MET A 213 22.63 8.97 -20.20
N ALA A 214 22.25 7.71 -20.39
CA ALA A 214 23.12 6.58 -20.01
C ALA A 214 24.31 6.37 -20.94
N LYS A 215 24.10 6.59 -22.24
CA LYS A 215 25.18 6.43 -23.23
C LYS A 215 26.17 7.59 -23.15
N ARG A 216 25.69 8.75 -22.69
CA ARG A 216 26.53 9.93 -22.52
C ARG A 216 27.40 9.83 -21.26
N LEU A 217 26.92 9.09 -20.26
CA LEU A 217 27.66 8.85 -19.02
C LEU A 217 28.39 7.49 -19.03
N GLU A 218 28.38 6.83 -20.18
CA GLU A 218 28.97 5.50 -20.34
C GLU A 218 30.50 5.50 -20.19
N GLU A 219 31.12 6.63 -20.52
CA GLU A 219 32.57 6.82 -20.41
C GLU A 219 33.07 6.78 -18.97
N PHE A 220 32.22 7.19 -18.03
CA PHE A 220 32.58 7.23 -16.61
C PHE A 220 32.48 5.88 -15.90
N ASN A 221 32.12 4.85 -16.66
CA ASN A 221 32.01 3.47 -16.17
C ASN A 221 31.24 3.30 -14.85
N LEU A 222 29.96 3.70 -14.86
CA LEU A 222 29.10 3.60 -13.68
C LEU A 222 28.78 2.15 -13.36
N ASN A 223 28.82 1.82 -12.07
CA ASN A 223 28.62 0.45 -11.61
C ASN A 223 27.15 0.07 -11.73
N TRP A 224 26.26 0.98 -11.33
CA TRP A 224 24.83 0.88 -11.66
C TRP A 224 24.10 2.22 -11.76
N ILE A 225 22.89 2.15 -12.33
CA ILE A 225 21.98 3.28 -12.40
C ILE A 225 20.70 2.90 -11.64
N GLU A 226 20.47 3.57 -10.52
CA GLU A 226 19.37 3.22 -9.63
C GLU A 226 18.16 4.09 -9.87
N GLU A 227 17.01 3.43 -9.98
CA GLU A 227 15.70 4.05 -10.18
C GLU A 227 15.70 5.22 -11.16
N PRO A 228 15.90 4.94 -12.45
CA PRO A 228 15.89 6.06 -13.40
C PRO A 228 14.49 6.65 -13.55
N VAL A 229 13.49 5.75 -13.48
CA VAL A 229 12.08 6.11 -13.57
C VAL A 229 11.39 5.40 -12.41
N LEU A 230 10.09 5.62 -12.26
CA LEU A 230 9.29 4.94 -11.26
C LEU A 230 9.20 3.44 -11.57
N ALA A 231 9.27 2.63 -10.51
CA ALA A 231 9.16 1.17 -10.66
C ALA A 231 7.76 0.67 -11.03
N ASP A 232 6.77 1.58 -11.12
CA ASP A 232 5.44 1.27 -11.67
C ASP A 232 5.45 0.74 -13.09
N SER A 233 6.37 1.28 -13.91
CA SER A 233 6.47 0.89 -15.32
CA SER A 233 6.48 0.91 -15.31
C SER A 233 7.54 -0.18 -15.52
N LEU A 234 7.13 -1.43 -15.33
CA LEU A 234 8.02 -2.57 -15.47
C LEU A 234 8.50 -2.69 -16.90
N ILE A 235 7.60 -2.39 -17.84
CA ILE A 235 7.94 -2.26 -19.26
C ILE A 235 9.11 -1.26 -19.53
N SER A 236 9.07 -0.07 -18.90
CA SER A 236 10.16 0.93 -19.03
C SER A 236 11.51 0.43 -18.54
N TYR A 237 11.51 -0.30 -17.40
CA TYR A 237 12.73 -0.96 -16.93
C TYR A 237 13.24 -1.98 -17.91
N GLU A 238 12.36 -2.87 -18.37
CA GLU A 238 12.73 -3.93 -19.31
C GLU A 238 13.38 -3.36 -20.58
N LYS A 239 12.72 -2.34 -21.15
CA LYS A 239 13.19 -1.68 -22.35
C LYS A 239 14.53 -0.97 -22.17
N LEU A 240 14.77 -0.41 -20.97
CA LEU A 240 16.06 0.19 -20.64
C LEU A 240 17.18 -0.84 -20.57
N SER A 241 16.88 -2.03 -20.03
CA SER A 241 17.85 -3.14 -19.92
C SER A 241 18.41 -3.60 -21.27
N ARG A 242 17.58 -3.60 -22.31
CA ARG A 242 18.00 -4.06 -23.64
C ARG A 242 18.88 -3.03 -24.35
N GLN A 243 18.82 -1.78 -23.90
CA GLN A 243 19.38 -0.65 -24.63
C GLN A 243 20.48 0.09 -23.87
N VAL A 244 20.76 -0.35 -22.65
CA VAL A 244 21.76 0.30 -21.80
C VAL A 244 22.88 -0.70 -21.47
N SER A 245 24.08 -0.18 -21.19
CA SER A 245 25.22 -1.02 -20.89
CA SER A 245 25.21 -1.04 -20.89
C SER A 245 25.41 -1.23 -19.40
N GLN A 246 25.14 -0.18 -18.63
CA GLN A 246 25.29 -0.19 -17.17
C GLN A 246 24.22 -1.07 -16.51
N LYS A 247 24.53 -1.53 -15.29
CA LYS A 247 23.54 -2.27 -14.50
C LYS A 247 22.36 -1.37 -14.11
N ILE A 248 21.17 -1.95 -14.06
CA ILE A 248 19.95 -1.24 -13.63
C ILE A 248 19.54 -1.77 -12.26
N ALA A 249 19.24 -0.85 -11.35
CA ALA A 249 18.85 -1.20 -9.99
C ALA A 249 17.51 -0.58 -9.65
N GLY A 250 16.69 -1.27 -8.86
CA GLY A 250 15.49 -0.65 -8.34
C GLY A 250 14.83 -1.51 -7.29
N GLY A 251 13.69 -1.05 -6.79
CA GLY A 251 12.90 -1.89 -5.92
C GLY A 251 12.68 -1.40 -4.51
N GLU A 252 13.35 -0.32 -4.12
CA GLU A 252 13.33 0.12 -2.72
C GLU A 252 11.97 0.47 -2.13
N SER A 253 11.03 0.88 -2.96
CA SER A 253 9.75 1.34 -2.47
C SER A 253 8.73 0.22 -2.43
N LEU A 254 9.09 -0.97 -2.94
CA LEU A 254 8.13 -2.08 -3.07
C LEU A 254 7.88 -2.83 -1.77
N THR A 255 6.73 -3.53 -1.68
CA THR A 255 6.35 -4.19 -0.43
C THR A 255 5.75 -5.54 -0.77
N THR A 256 6.22 -6.56 -0.05
CA THR A 256 5.82 -7.98 -0.17
C THR A 256 6.51 -8.72 -1.30
N ARG A 257 6.63 -10.02 -1.10
CA ARG A 257 7.15 -10.94 -2.09
CA ARG A 257 7.23 -10.84 -2.12
C ARG A 257 6.46 -10.81 -3.45
N TYR A 258 5.20 -10.36 -3.43
CA TYR A 258 4.41 -10.34 -4.68
C TYR A 258 4.87 -9.24 -5.60
N GLU A 259 5.12 -8.07 -5.03
CA GLU A 259 5.63 -6.95 -5.82
C GLU A 259 7.06 -7.23 -6.27
N PHE A 260 7.87 -7.80 -5.37
CA PHE A 260 9.25 -8.18 -5.72
C PHE A 260 9.31 -9.27 -6.78
N GLN A 261 8.42 -10.25 -6.74
CA GLN A 261 8.37 -11.30 -7.75
C GLN A 261 8.07 -10.68 -9.11
N GLU A 262 7.15 -9.72 -9.14
CA GLU A 262 6.81 -9.09 -10.42
C GLU A 262 7.95 -8.22 -10.92
N PHE A 263 8.54 -7.45 -10.02
CA PHE A 263 9.70 -6.61 -10.38
C PHE A 263 10.85 -7.44 -10.90
N ILE A 264 11.28 -8.41 -10.10
CA ILE A 264 12.42 -9.28 -10.42
C ILE A 264 12.26 -9.97 -11.78
N THR A 265 11.09 -10.55 -12.03
CA THR A 265 10.87 -11.31 -13.27
C THR A 265 10.49 -10.46 -14.50
N LYS A 266 9.99 -9.24 -14.31
CA LYS A 266 9.50 -8.47 -15.45
C LYS A 266 10.36 -7.26 -15.83
N SER A 267 11.17 -6.77 -14.89
CA SER A 267 11.92 -5.53 -15.10
C SER A 267 13.27 -5.81 -15.74
N ASN A 268 13.74 -7.06 -15.62
CA ASN A 268 15.08 -7.48 -16.06
C ASN A 268 16.18 -6.62 -15.44
N ALA A 269 15.88 -6.05 -14.26
CA ALA A 269 16.86 -5.31 -13.50
C ALA A 269 17.97 -6.26 -13.05
N ASP A 270 19.18 -5.73 -12.97
CA ASP A 270 20.34 -6.50 -12.53
C ASP A 270 20.36 -6.63 -11.03
N ILE A 271 19.82 -5.61 -10.37
CA ILE A 271 19.95 -5.43 -8.93
C ILE A 271 18.58 -5.07 -8.34
N VAL A 272 18.17 -5.84 -7.34
CA VAL A 272 16.94 -5.58 -6.61
C VAL A 272 17.26 -5.13 -5.18
N GLN A 273 16.58 -4.07 -4.73
CA GLN A 273 16.92 -3.36 -3.50
C GLN A 273 15.79 -3.23 -2.49
N PRO A 274 15.33 -4.37 -1.92
CA PRO A 274 14.34 -4.21 -0.85
C PRO A 274 14.92 -3.52 0.37
N ASP A 275 14.06 -2.81 1.08
CA ASP A 275 14.35 -2.21 2.38
C ASP A 275 13.74 -3.12 3.42
N ILE A 276 14.59 -3.62 4.30
CA ILE A 276 14.16 -4.53 5.39
C ILE A 276 13.05 -3.92 6.28
N THR A 277 12.97 -2.59 6.34
CA THR A 277 12.00 -1.90 7.16
C THR A 277 10.76 -1.46 6.38
N ARG A 278 10.66 -1.85 5.12
CA ARG A 278 9.51 -1.51 4.26
C ARG A 278 8.87 -2.77 3.63
N CYS A 279 9.72 -3.73 3.23
CA CYS A 279 9.31 -4.83 2.37
C CYS A 279 8.42 -5.90 3.05
N GLY A 280 8.36 -5.89 4.38
CA GLY A 280 7.71 -6.96 5.13
C GLY A 280 8.58 -7.47 6.28
N GLY A 281 9.81 -6.98 6.39
CA GLY A 281 10.67 -7.34 7.54
C GLY A 281 11.67 -8.40 7.11
N ILE A 282 12.36 -8.96 8.10
CA ILE A 282 13.34 -10.03 7.87
C ILE A 282 12.65 -11.28 7.29
N THR A 283 11.48 -11.62 7.85
CA THR A 283 10.75 -12.79 7.34
C THR A 283 10.51 -12.66 5.83
N GLU A 284 9.96 -11.52 5.41
CA GLU A 284 9.68 -11.33 3.98
C GLU A 284 10.94 -11.22 3.12
N MET A 285 11.93 -10.51 3.65
CA MET A 285 13.21 -10.35 2.97
C MET A 285 13.85 -11.70 2.62
N LYS A 286 13.71 -12.68 3.52
CA LYS A 286 14.14 -14.05 3.27
C LYS A 286 13.50 -14.61 2.01
N LYS A 287 12.17 -14.43 1.89
CA LYS A 287 11.49 -14.94 0.71
CA LYS A 287 11.40 -14.91 0.73
C LYS A 287 11.86 -14.18 -0.54
N ILE A 288 12.11 -12.88 -0.43
CA ILE A 288 12.56 -12.05 -1.56
C ILE A 288 13.97 -12.46 -2.07
N TYR A 289 14.88 -12.70 -1.13
CA TYR A 289 16.21 -13.27 -1.45
C TYR A 289 16.12 -14.56 -2.24
N ASP A 290 15.20 -15.45 -1.83
CA ASP A 290 15.06 -16.72 -2.54
C ASP A 290 14.61 -16.54 -4.00
N ILE A 291 13.72 -15.56 -4.22
CA ILE A 291 13.21 -15.27 -5.54
C ILE A 291 14.34 -14.69 -6.40
N ALA A 292 15.07 -13.74 -5.83
CA ALA A 292 16.22 -13.14 -6.50
C ALA A 292 17.23 -14.21 -6.93
N GLN A 293 17.60 -15.11 -6.02
CA GLN A 293 18.52 -16.22 -6.31
C GLN A 293 18.04 -17.14 -7.45
N MET A 294 16.75 -17.49 -7.43
CA MET A 294 16.14 -18.30 -8.49
C MET A 294 16.23 -17.63 -9.87
N ASN A 295 16.25 -16.29 -9.88
CA ASN A 295 16.25 -15.53 -11.12
C ASN A 295 17.60 -14.89 -11.52
N GLY A 296 18.65 -15.15 -10.74
CA GLY A 296 19.98 -14.62 -11.06
C GLY A 296 20.14 -13.12 -10.86
N THR A 297 19.28 -12.58 -10.00
CA THR A 297 19.23 -11.16 -9.69
C THR A 297 20.00 -10.89 -8.39
N GLN A 298 20.86 -9.87 -8.38
CA GLN A 298 21.59 -9.53 -7.16
CA GLN A 298 21.60 -9.50 -7.18
C GLN A 298 20.73 -8.70 -6.21
N LEU A 299 20.68 -9.13 -4.95
CA LEU A 299 19.95 -8.40 -3.92
C LEU A 299 20.93 -7.56 -3.12
N ILE A 300 20.79 -6.25 -3.23
CA ILE A 300 21.58 -5.32 -2.42
C ILE A 300 20.59 -4.47 -1.65
N PRO A 301 20.46 -4.68 -0.33
CA PRO A 301 19.43 -4.00 0.44
C PRO A 301 19.49 -2.47 0.40
N HIS A 302 18.32 -1.85 0.48
CA HIS A 302 18.21 -0.39 0.59
CA HIS A 302 18.23 -0.40 0.59
C HIS A 302 18.01 -0.04 2.05
N GLY A 303 18.60 1.06 2.47
CA GLY A 303 18.26 1.51 3.79
C GLY A 303 19.16 2.57 4.32
N PHE A 304 18.51 3.57 4.90
CA PHE A 304 19.16 4.58 5.70
C PHE A 304 18.12 5.18 6.62
N SER A 305 18.26 4.85 7.90
CA SER A 305 17.41 5.44 8.93
C SER A 305 18.18 5.53 10.25
N THR A 306 18.14 4.47 11.03
CA THR A 306 18.86 4.41 12.30
C THR A 306 19.73 3.16 12.38
N GLY A 307 20.32 2.92 13.55
CA GLY A 307 21.08 1.70 13.81
C GLY A 307 20.21 0.46 13.80
N ILE A 308 18.90 0.62 14.00
CA ILE A 308 17.96 -0.52 13.97
C ILE A 308 17.95 -1.15 12.57
N LEU A 309 17.75 -0.35 11.53
CA LEU A 309 17.86 -0.84 10.15
C LEU A 309 19.23 -1.43 9.86
N LEU A 310 20.29 -0.77 10.36
CA LEU A 310 21.65 -1.24 10.13
C LEU A 310 21.86 -2.63 10.73
N HIS A 311 21.51 -2.80 12.00
CA HIS A 311 21.68 -4.08 12.69
C HIS A 311 20.84 -5.20 12.06
N ALA A 312 19.60 -4.89 11.69
CA ALA A 312 18.77 -5.86 10.96
C ALA A 312 19.38 -6.25 9.61
N SER A 313 19.84 -5.27 8.84
CA SER A 313 20.37 -5.54 7.49
C SER A 313 21.67 -6.33 7.58
N VAL A 314 22.49 -6.03 8.58
CA VAL A 314 23.78 -6.74 8.75
C VAL A 314 23.56 -8.20 9.13
N HIS A 315 22.67 -8.42 10.10
CA HIS A 315 22.32 -9.78 10.50
C HIS A 315 21.79 -10.57 9.32
N PHE A 316 20.92 -9.95 8.53
CA PHE A 316 20.39 -10.59 7.33
C PHE A 316 21.45 -10.96 6.28
N LEU A 317 22.27 -9.99 5.87
CA LEU A 317 23.33 -10.23 4.89
C LEU A 317 24.40 -11.23 5.33
N ALA A 318 24.75 -11.22 6.62
CA ALA A 318 25.71 -12.19 7.18
C ALA A 318 25.23 -13.61 6.91
N ALA A 319 23.92 -13.78 6.99
CA ALA A 319 23.26 -15.07 6.78
C ALA A 319 22.96 -15.40 5.30
N CYS A 320 23.39 -14.55 4.37
CA CYS A 320 23.18 -14.82 2.93
C CYS A 320 24.47 -15.24 2.28
N GLU A 321 24.39 -16.29 1.46
CA GLU A 321 25.55 -16.77 0.75
C GLU A 321 26.06 -15.63 -0.15
N GLN A 322 25.12 -14.87 -0.73
CA GLN A 322 25.46 -13.75 -1.60
C GLN A 322 25.28 -12.37 -0.96
N GLY A 323 25.39 -12.30 0.37
CA GLY A 323 25.21 -11.03 1.11
C GLY A 323 26.49 -10.23 1.19
N THR A 324 26.99 -9.83 0.02
CA THR A 324 28.36 -9.33 -0.10
C THR A 324 28.46 -7.81 -0.16
N LEU A 325 27.33 -7.12 -0.16
CA LEU A 325 27.32 -5.66 -0.25
C LEU A 325 26.14 -4.99 0.43
N MET A 326 26.44 -3.96 1.21
CA MET A 326 25.46 -3.18 1.93
C MET A 326 25.62 -1.69 1.66
N GLU A 327 24.52 -0.95 1.80
CA GLU A 327 24.53 0.50 1.74
C GLU A 327 24.84 0.99 3.13
N PHE A 328 25.89 1.82 3.24
CA PHE A 328 26.17 2.50 4.49
C PHE A 328 26.13 4.00 4.23
N SER A 329 25.00 4.62 4.56
CA SER A 329 24.84 6.04 4.31
C SER A 329 25.36 6.89 5.45
N GLN A 330 25.77 8.12 5.13
CA GLN A 330 26.39 9.01 6.09
C GLN A 330 25.46 10.16 6.45
N SER A 331 25.23 10.35 7.75
CA SER A 331 24.50 11.52 8.24
C SER A 331 25.00 11.99 9.59
N SER A 332 24.77 13.28 9.85
CA SER A 332 25.12 13.90 11.12
C SER A 332 23.96 13.88 12.11
N SER A 333 22.80 13.39 11.65
CA SER A 333 21.59 13.30 12.48
C SER A 333 21.82 12.44 13.72
N PRO A 334 21.40 12.94 14.89
CA PRO A 334 21.45 12.20 16.15
C PRO A 334 20.70 10.87 16.11
N LEU A 335 19.65 10.79 15.30
CA LEU A 335 18.88 9.56 15.14
C LEU A 335 19.68 8.47 14.44
N PHE A 336 20.40 8.84 13.38
CA PHE A 336 21.32 7.92 12.73
C PHE A 336 22.52 7.52 13.60
N THR A 337 23.20 8.51 14.18
CA THR A 337 24.46 8.25 14.88
C THR A 337 24.33 7.67 16.28
N SER A 338 23.25 7.99 17.00
CA SER A 338 23.27 7.78 18.45
C SER A 338 22.09 7.05 19.10
N LEU A 339 21.02 6.76 18.35
CA LEU A 339 19.84 6.11 18.92
C LEU A 339 20.14 4.71 19.45
N VAL A 340 20.92 3.95 18.69
CA VAL A 340 21.40 2.65 19.12
C VAL A 340 22.74 2.94 19.78
N LYS A 341 22.85 2.60 21.06
CA LYS A 341 23.98 2.98 21.91
C LYS A 341 25.25 2.26 21.49
N ASN A 342 25.12 0.96 21.24
CA ASN A 342 26.27 0.10 20.91
C ASN A 342 26.41 -0.15 19.40
N GLN A 343 26.00 0.83 18.61
CA GLN A 343 25.90 0.74 17.16
C GLN A 343 27.16 0.25 16.46
N LEU A 344 26.98 -0.70 15.53
CA LEU A 344 28.02 -1.17 14.64
C LEU A 344 28.59 -0.02 13.81
N GLN A 345 29.90 -0.02 13.64
CA GLN A 345 30.55 1.09 12.95
C GLN A 345 31.19 0.69 11.64
N PHE A 346 31.07 1.57 10.66
CA PHE A 346 31.84 1.45 9.44
C PHE A 346 33.33 1.62 9.78
N ASP A 347 34.16 0.78 9.20
CA ASP A 347 35.58 0.74 9.52
C ASP A 347 36.34 0.27 8.29
N ASN A 348 36.89 1.24 7.55
CA ASN A 348 37.78 1.03 6.41
C ASN A 348 37.25 0.10 5.28
N GLY A 349 36.07 0.41 4.76
CA GLY A 349 35.46 -0.34 3.65
C GLY A 349 34.40 -1.37 4.03
N PHE A 350 34.31 -1.67 5.32
CA PHE A 350 33.48 -2.78 5.82
C PHE A 350 32.78 -2.43 7.12
N VAL A 351 31.67 -3.11 7.40
CA VAL A 351 31.07 -3.15 8.73
C VAL A 351 31.21 -4.56 9.31
N ALA A 352 31.60 -4.67 10.57
CA ALA A 352 31.77 -5.98 11.21
C ALA A 352 30.41 -6.59 11.57
N VAL A 353 30.35 -7.92 11.56
CA VAL A 353 29.14 -8.64 11.98
C VAL A 353 29.12 -8.83 13.50
N SER A 354 28.00 -8.49 14.13
CA SER A 354 27.80 -8.67 15.58
C SER A 354 27.28 -10.07 15.90
N ASP A 355 27.82 -10.67 16.96
CA ASP A 355 27.46 -12.01 17.40
C ASP A 355 26.62 -12.01 18.66
N ALA A 356 26.26 -10.82 19.14
CA ALA A 356 25.42 -10.70 20.32
C ALA A 356 24.03 -11.28 20.03
N PRO A 357 23.35 -11.81 21.06
CA PRO A 357 21.98 -12.33 20.91
C PRO A 357 20.98 -11.33 20.33
N GLY A 358 20.04 -11.83 19.54
CA GLY A 358 19.09 -10.99 18.82
C GLY A 358 19.78 -10.10 17.79
N LEU A 359 19.36 -8.84 17.74
CA LEU A 359 19.96 -7.89 16.82
C LEU A 359 21.09 -7.09 17.44
N GLY A 360 21.35 -7.32 18.73
CA GLY A 360 22.46 -6.64 19.42
C GLY A 360 22.21 -5.14 19.57
N ILE A 361 20.99 -4.80 19.95
CA ILE A 361 20.57 -3.40 20.01
C ILE A 361 20.29 -2.98 21.45
N GLU A 362 20.99 -1.94 21.90
CA GLU A 362 20.65 -1.23 23.13
C GLU A 362 20.30 0.20 22.76
N LEU A 363 19.10 0.63 23.12
CA LEU A 363 18.62 1.97 22.73
C LEU A 363 19.08 3.04 23.71
N ASP A 364 19.45 4.20 23.17
CA ASP A 364 19.81 5.37 23.96
C ASP A 364 18.53 5.97 24.53
N GLU A 365 18.21 5.59 25.77
CA GLU A 365 16.95 5.95 26.41
C GLU A 365 16.81 7.45 26.69
N GLU A 366 17.92 8.11 26.99
CA GLU A 366 17.94 9.57 27.18
C GLU A 366 17.61 10.30 25.88
N LEU A 367 18.10 9.77 24.77
CA LEU A 367 17.83 10.32 23.44
C LEU A 367 16.36 10.15 23.03
N ILE A 368 15.78 9.00 23.39
CA ILE A 368 14.35 8.73 23.16
C ILE A 368 13.52 9.81 23.87
N ALA A 369 13.82 10.03 25.14
CA ALA A 369 13.17 11.07 25.94
C ALA A 369 13.27 12.48 25.33
N LYS A 370 14.39 12.74 24.64
CA LYS A 370 14.65 14.03 24.02
C LYS A 370 13.81 14.32 22.75
N TYR A 371 13.70 13.34 21.85
CA TYR A 371 13.06 13.56 20.55
C TYR A 371 11.68 12.92 20.35
N ARG A 372 11.21 12.24 21.40
CA ARG A 372 9.87 11.68 21.49
C ARG A 372 8.78 12.73 21.17
N VAL A 373 8.09 12.57 20.04
CA VAL A 373 6.94 13.43 19.72
C VAL A 373 5.72 12.94 20.49
N ASN A 374 5.51 11.62 20.51
CA ASN A 374 4.37 11.02 21.22
C ASN A 374 4.72 10.54 22.63
N VAL B 2 -10.30 30.25 -11.00
CA VAL B 2 -9.07 30.21 -10.15
C VAL B 2 -9.41 29.85 -8.69
N LEU B 3 -10.22 28.80 -8.59
CA LEU B 3 -10.66 28.22 -7.34
C LEU B 3 -9.48 27.65 -6.56
N LYS B 4 -9.24 28.13 -5.34
CA LYS B 4 -8.11 27.61 -4.54
C LYS B 4 -8.58 26.74 -3.39
N ILE B 5 -7.81 25.69 -3.11
CA ILE B 5 -8.04 24.89 -1.91
C ILE B 5 -7.54 25.64 -0.68
N THR B 6 -8.42 25.84 0.29
CA THR B 6 -8.05 26.50 1.56
C THR B 6 -7.88 25.56 2.74
N ASP B 7 -8.64 24.47 2.77
CA ASP B 7 -8.55 23.49 3.88
C ASP B 7 -8.94 22.08 3.45
N ILE B 8 -8.38 21.10 4.12
CA ILE B 8 -8.82 19.72 3.99
C ILE B 8 -9.15 19.26 5.40
N GLU B 9 -10.39 18.83 5.58
CA GLU B 9 -10.93 18.53 6.89
C GLU B 9 -11.29 17.05 6.91
N VAL B 10 -10.61 16.30 7.77
CA VAL B 10 -10.87 14.88 7.90
C VAL B 10 -11.82 14.61 9.07
N LEU B 11 -12.89 13.87 8.83
CA LEU B 11 -13.83 13.57 9.90
C LEU B 11 -13.93 12.07 10.11
N HIS B 12 -13.44 11.62 11.27
CA HIS B 12 -13.56 10.24 11.74
C HIS B 12 -14.91 10.10 12.41
N LEU B 13 -15.77 9.24 11.85
CA LEU B 13 -17.07 8.95 12.43
C LEU B 13 -17.14 7.48 12.89
N ARG B 14 -17.87 7.21 13.96
CA ARG B 14 -17.96 5.84 14.54
C ARG B 14 -19.24 5.67 15.37
N VAL B 15 -19.81 4.47 15.34
CA VAL B 15 -20.97 4.11 16.18
C VAL B 15 -20.59 3.39 17.51
N PRO B 16 -19.82 2.26 17.45
CA PRO B 16 -19.39 1.71 18.74
C PRO B 16 -18.05 2.30 19.24
N ALA B 17 -17.65 1.92 20.46
CA ALA B 17 -16.41 2.42 21.08
C ALA B 17 -15.15 1.87 20.42
N MET B 18 -14.01 2.50 20.71
CA MET B 18 -12.71 2.14 20.13
C MET B 18 -12.23 0.73 20.49
N ASP B 19 -12.55 0.28 21.70
CA ASP B 19 -12.15 -1.05 22.18
C ASP B 19 -13.09 -2.18 21.72
N ALA B 20 -14.24 -1.81 21.15
CA ALA B 20 -15.32 -2.76 20.85
C ALA B 20 -15.26 -3.39 19.46
N ASP B 21 -16.15 -4.37 19.25
CA ASP B 21 -16.34 -5.07 17.98
C ASP B 21 -16.86 -4.11 16.90
N CYS B 22 -16.51 -4.39 15.64
CA CYS B 22 -16.90 -3.54 14.50
C CYS B 22 -16.99 -4.33 13.20
N GLU B 23 -18.13 -4.18 12.52
CA GLU B 23 -18.35 -4.83 11.22
C GLU B 23 -18.35 -3.79 10.08
N TRP B 24 -18.69 -4.24 8.87
CA TRP B 24 -18.75 -3.37 7.69
C TRP B 24 -19.79 -2.25 7.81
N GLY B 25 -19.31 -1.02 8.00
CA GLY B 25 -20.18 0.16 7.99
C GLY B 25 -20.39 0.93 9.28
N GLU B 26 -19.81 0.44 10.39
CA GLU B 26 -20.01 1.07 11.71
C GLU B 26 -18.99 2.19 12.01
N ASP B 27 -18.00 2.33 11.13
CA ASP B 27 -17.16 3.53 11.13
C ASP B 27 -17.01 4.07 9.71
N ALA B 28 -16.63 5.34 9.60
CA ALA B 28 -16.32 5.93 8.31
C ALA B 28 -15.30 7.04 8.48
N VAL B 29 -14.57 7.33 7.41
CA VAL B 29 -13.69 8.49 7.39
C VAL B 29 -14.05 9.35 6.19
N ILE B 30 -14.56 10.55 6.46
CA ILE B 30 -14.97 11.40 5.37
C ILE B 30 -14.07 12.62 5.29
N VAL B 31 -13.94 13.17 4.09
CA VAL B 31 -13.04 14.30 3.88
C VAL B 31 -13.86 15.43 3.28
N LYS B 32 -13.68 16.64 3.81
CA LYS B 32 -14.25 17.83 3.22
C LYS B 32 -13.10 18.69 2.69
N VAL B 33 -13.14 18.98 1.42
CA VAL B 33 -12.16 19.90 0.81
C VAL B 33 -12.79 21.28 0.65
N HIS B 34 -12.19 22.27 1.30
CA HIS B 34 -12.73 23.64 1.35
C HIS B 34 -12.03 24.52 0.33
N THR B 35 -12.79 25.36 -0.36
CA THR B 35 -12.22 26.28 -1.33
C THR B 35 -12.40 27.73 -0.88
N ASP B 36 -11.66 28.63 -1.51
CA ASP B 36 -11.78 30.07 -1.24
C ASP B 36 -13.04 30.73 -1.83
N LYS B 37 -13.90 29.95 -2.50
CA LYS B 37 -15.16 30.49 -3.01
C LYS B 37 -16.39 29.87 -2.32
N GLY B 38 -16.18 29.28 -1.15
CA GLY B 38 -17.28 28.79 -0.32
C GLY B 38 -17.84 27.42 -0.65
N ILE B 39 -17.53 26.92 -1.84
CA ILE B 39 -17.93 25.59 -2.24
C ILE B 39 -17.10 24.58 -1.47
N VAL B 40 -17.76 23.51 -1.02
CA VAL B 40 -17.11 22.39 -0.34
C VAL B 40 -17.32 21.09 -1.12
N GLY B 41 -16.28 20.27 -1.20
CA GLY B 41 -16.40 18.95 -1.79
C GLY B 41 -16.29 17.86 -0.74
N VAL B 42 -17.07 16.80 -0.92
CA VAL B 42 -17.11 15.68 0.02
C VAL B 42 -16.67 14.38 -0.63
N GLY B 43 -15.76 13.68 0.06
CA GLY B 43 -15.30 12.39 -0.39
C GLY B 43 -15.17 11.51 0.84
N GLU B 44 -14.93 10.22 0.63
CA GLU B 44 -14.62 9.30 1.72
C GLU B 44 -13.69 8.18 1.26
N ALA B 45 -13.17 7.42 2.23
CA ALA B 45 -12.27 6.32 1.96
C ALA B 45 -12.77 5.12 2.73
N ASP B 46 -12.98 3.98 2.06
CA ASP B 46 -13.35 2.76 2.78
C ASP B 46 -12.12 1.96 3.25
N SER B 47 -11.68 2.29 4.45
CA SER B 47 -10.37 1.91 4.94
C SER B 47 -10.37 2.24 6.42
N SER B 48 -9.23 2.08 7.08
CA SER B 48 -9.09 2.45 8.49
C SER B 48 -9.03 3.96 8.67
N PRO B 49 -10.03 4.52 9.40
CA PRO B 49 -10.14 5.94 9.59
C PRO B 49 -8.92 6.58 10.22
N LEU B 50 -8.26 5.90 11.16
CA LEU B 50 -7.07 6.47 11.79
C LEU B 50 -5.90 6.58 10.81
N VAL B 51 -5.77 5.59 9.93
CA VAL B 51 -4.67 5.53 8.99
C VAL B 51 -4.86 6.58 7.90
N VAL B 52 -6.08 6.67 7.37
CA VAL B 52 -6.41 7.67 6.32
C VAL B 52 -6.22 9.11 6.83
N GLN B 53 -6.68 9.34 8.06
CA GLN B 53 -6.42 10.58 8.76
C GLN B 53 -4.93 10.93 8.83
N ALA B 54 -4.11 9.95 9.20
CA ALA B 54 -2.64 10.14 9.30
C ALA B 54 -2.03 10.43 7.93
N CYS B 55 -2.45 9.69 6.91
CA CYS B 55 -2.04 9.98 5.52
C CYS B 55 -2.33 11.41 5.08
N ILE B 56 -3.47 11.94 5.49
CA ILE B 56 -3.82 13.30 5.08
C ILE B 56 -3.10 14.36 5.93
N GLU B 57 -3.06 14.14 7.25
CA GLU B 57 -2.54 15.13 8.19
C GLU B 57 -1.02 15.06 8.40
N ALA B 58 -0.34 14.09 7.79
CA ALA B 58 1.10 13.85 8.00
C ALA B 58 1.99 15.04 7.63
N PRO B 59 3.07 15.27 8.39
CA PRO B 59 4.05 16.30 8.00
C PRO B 59 4.95 15.78 6.88
N GLN B 60 5.92 16.59 6.46
CA GLN B 60 6.99 16.12 5.61
C GLN B 60 7.92 15.18 6.39
N THR B 61 8.29 14.07 5.75
CA THR B 61 9.26 13.10 6.26
C THR B 61 10.49 13.10 5.33
N ASN B 62 10.22 13.15 4.03
CA ASN B 62 11.23 13.39 3.01
C ASN B 62 10.61 13.99 1.74
N PHE B 63 11.43 14.18 0.71
CA PHE B 63 11.01 14.83 -0.53
C PHE B 63 9.81 14.14 -1.22
N TYR B 64 9.72 12.82 -1.04
CA TYR B 64 8.63 12.02 -1.60
C TYR B 64 7.68 11.52 -0.52
N CYS B 65 7.67 12.19 0.63
CA CYS B 65 6.87 11.75 1.77
C CYS B 65 6.23 12.92 2.49
N ASN B 66 5.15 13.43 1.91
CA ASN B 66 4.35 14.48 2.50
C ASN B 66 2.94 13.96 2.71
N GLY B 67 2.32 14.37 3.81
CA GLY B 67 0.89 14.19 4.02
C GLY B 67 0.15 14.95 2.95
N LEU B 68 -1.06 14.50 2.62
CA LEU B 68 -1.72 15.04 1.44
C LEU B 68 -2.14 16.49 1.59
N LYS B 69 -2.58 16.87 2.80
CA LYS B 69 -3.11 18.22 3.03
C LYS B 69 -2.04 19.27 2.71
N ARG B 70 -0.83 19.02 3.16
CA ARG B 70 0.33 19.89 2.90
C ARG B 70 0.59 20.10 1.39
N LEU B 71 0.33 19.06 0.60
CA LEU B 71 0.53 19.15 -0.85
C LEU B 71 -0.58 19.94 -1.55
N LEU B 72 -1.70 20.12 -0.88
CA LEU B 72 -2.87 20.64 -1.57
C LEU B 72 -3.34 22.04 -1.16
N ILE B 73 -3.03 22.48 0.05
CA ILE B 73 -3.43 23.84 0.46
C ILE B 73 -2.82 24.85 -0.53
N GLY B 74 -3.68 25.70 -1.08
CA GLY B 74 -3.25 26.74 -2.00
C GLY B 74 -3.27 26.31 -3.46
N GLU B 75 -3.59 25.04 -3.70
CA GLU B 75 -3.65 24.57 -5.08
C GLU B 75 -4.96 24.87 -5.82
N ASN B 76 -4.95 24.82 -7.15
CA ASN B 76 -6.17 25.03 -7.98
CA ASN B 76 -6.13 25.03 -7.97
C ASN B 76 -6.98 23.76 -8.00
N ALA B 77 -8.10 23.80 -7.28
CA ALA B 77 -8.98 22.63 -7.10
C ALA B 77 -9.48 22.00 -8.41
N LEU B 78 -9.63 22.81 -9.46
CA LEU B 78 -10.18 22.33 -10.74
C LEU B 78 -9.25 21.41 -11.48
N GLU B 79 -7.96 21.42 -11.12
CA GLU B 79 -6.94 20.71 -11.86
C GLU B 79 -6.75 19.32 -11.31
N ILE B 80 -7.84 18.54 -11.40
CA ILE B 80 -8.00 17.32 -10.62
C ILE B 80 -6.92 16.29 -10.92
N GLU B 81 -6.70 16.01 -12.21
CA GLU B 81 -5.74 14.95 -12.59
C GLU B 81 -4.29 15.32 -12.23
N ARG B 82 -3.92 16.59 -12.44
CA ARG B 82 -2.59 17.08 -12.03
C ARG B 82 -2.42 16.95 -10.51
N LEU B 83 -3.48 17.27 -9.74
CA LEU B 83 -3.47 17.12 -8.27
C LEU B 83 -3.37 15.66 -7.83
N TRP B 84 -4.06 14.76 -8.56
CA TRP B 84 -3.92 13.31 -8.34
C TRP B 84 -2.45 12.93 -8.48
N ASN B 85 -1.82 13.36 -9.56
CA ASN B 85 -0.42 13.04 -9.76
C ASN B 85 0.52 13.69 -8.75
N LYS B 86 0.23 14.92 -8.35
CA LYS B 86 0.99 15.59 -7.26
C LYS B 86 0.96 14.83 -5.94
N MET B 87 -0.21 14.32 -5.58
CA MET B 87 -0.37 13.54 -4.35
C MET B 87 0.31 12.19 -4.45
N TYR B 88 0.17 11.57 -5.63
CA TYR B 88 0.71 10.24 -5.87
C TYR B 88 2.22 10.27 -5.76
N TRP B 89 2.80 11.27 -6.43
CA TRP B 89 4.23 11.52 -6.36
C TRP B 89 4.70 12.00 -5.00
N GLY B 90 3.98 12.96 -4.43
CA GLY B 90 4.38 13.60 -3.17
C GLY B 90 4.30 12.75 -1.93
N SER B 91 3.45 11.72 -1.96
CA SER B 91 3.29 10.82 -0.83
C SER B 91 3.81 9.43 -1.16
N ASN B 92 4.53 9.33 -2.28
CA ASN B 92 4.90 8.05 -2.88
C ASN B 92 5.57 7.08 -1.94
N TYR B 93 6.45 7.60 -1.08
CA TYR B 93 7.20 6.79 -0.13
C TYR B 93 6.30 6.10 0.90
N MET B 94 5.25 6.78 1.33
CA MET B 94 4.30 6.21 2.29
C MET B 94 3.03 5.67 1.64
N GLY B 95 2.76 6.12 0.42
CA GLY B 95 1.57 5.74 -0.32
C GLY B 95 1.88 4.74 -1.41
N ARG B 96 1.70 5.14 -2.66
CA ARG B 96 1.96 4.34 -3.87
C ARG B 96 0.93 3.19 -4.07
N ARG B 97 0.73 2.39 -3.02
CA ARG B 97 -0.27 1.30 -3.00
C ARG B 97 -0.90 1.28 -1.61
N GLY B 98 -2.10 0.70 -1.48
CA GLY B 98 -2.62 0.53 -0.13
C GLY B 98 -3.21 1.77 0.51
N ALA B 99 -2.92 1.96 1.80
CA ALA B 99 -3.54 3.02 2.60
C ALA B 99 -3.42 4.44 2.05
N GLY B 100 -2.22 4.80 1.56
CA GLY B 100 -2.07 6.10 0.91
C GLY B 100 -2.99 6.38 -0.28
N ILE B 101 -3.28 5.36 -1.08
CA ILE B 101 -4.16 5.48 -2.24
C ILE B 101 -5.63 5.59 -1.80
N HIS B 102 -5.98 4.96 -0.68
CA HIS B 102 -7.31 5.15 -0.07
C HIS B 102 -7.48 6.63 0.30
N ALA B 103 -6.45 7.22 0.92
CA ALA B 103 -6.47 8.64 1.29
C ALA B 103 -6.59 9.55 0.05
N ILE B 104 -5.84 9.24 -1.00
CA ILE B 104 -5.96 9.93 -2.29
C ILE B 104 -7.37 9.79 -2.84
N SER B 105 -7.94 8.58 -2.75
CA SER B 105 -9.29 8.35 -3.31
C SER B 105 -10.29 9.33 -2.75
N ALA B 106 -10.31 9.47 -1.42
CA ALA B 106 -11.23 10.37 -0.73
C ALA B 106 -11.12 11.79 -1.22
N ILE B 107 -9.88 12.27 -1.32
CA ILE B 107 -9.69 13.63 -1.79
C ILE B 107 -10.12 13.80 -3.24
N ASP B 108 -9.74 12.85 -4.08
CA ASP B 108 -10.11 12.88 -5.48
C ASP B 108 -11.62 12.99 -5.67
N ILE B 109 -12.35 12.17 -4.92
CA ILE B 109 -13.81 12.21 -4.96
C ILE B 109 -14.33 13.64 -4.61
N ALA B 110 -13.78 14.22 -3.55
CA ALA B 110 -14.15 15.58 -3.12
C ALA B 110 -13.87 16.64 -4.21
N LEU B 111 -12.75 16.47 -4.91
CA LEU B 111 -12.40 17.38 -6.00
C LEU B 111 -13.38 17.31 -7.16
N TRP B 112 -13.82 16.10 -7.52
CA TRP B 112 -14.88 15.95 -8.53
C TRP B 112 -16.20 16.61 -8.11
N ASP B 113 -16.58 16.42 -6.83
CA ASP B 113 -17.77 17.05 -6.27
C ASP B 113 -17.66 18.59 -6.40
N ILE B 114 -16.46 19.13 -6.14
CA ILE B 114 -16.22 20.57 -6.27
C ILE B 114 -16.37 21.05 -7.70
N ALA B 115 -15.72 20.34 -8.64
CA ALA B 115 -15.73 20.72 -10.05
C ALA B 115 -17.16 20.77 -10.59
N GLY B 116 -17.94 19.76 -10.23
CA GLY B 116 -19.34 19.71 -10.62
C GLY B 116 -20.14 20.92 -10.16
N GLN B 117 -19.97 21.30 -8.91
CA GLN B 117 -20.66 22.46 -8.36
C GLN B 117 -20.17 23.73 -9.06
N PHE B 118 -18.86 23.82 -9.22
CA PHE B 118 -18.26 24.98 -9.86
C PHE B 118 -18.70 25.17 -11.31
N TYR B 119 -18.82 24.06 -12.04
CA TYR B 119 -19.24 24.11 -13.42
C TYR B 119 -20.75 24.07 -13.61
N GLY B 120 -21.49 23.87 -12.52
CA GLY B 120 -22.95 23.81 -12.56
C GLY B 120 -23.54 22.57 -13.21
N VAL B 121 -22.79 21.46 -13.20
CA VAL B 121 -23.21 20.23 -13.89
C VAL B 121 -22.96 19.02 -12.98
N PRO B 122 -23.81 17.96 -13.09
CA PRO B 122 -23.52 16.71 -12.41
C PRO B 122 -22.18 16.16 -12.83
N VAL B 123 -21.51 15.46 -11.92
CA VAL B 123 -20.24 14.78 -12.22
C VAL B 123 -20.36 13.88 -13.45
N HIS B 124 -21.48 13.17 -13.62
CA HIS B 124 -21.62 12.33 -14.80
C HIS B 124 -21.44 13.05 -16.16
N THR B 125 -21.75 14.35 -16.23
CA THR B 125 -21.52 15.18 -17.42
C THR B 125 -20.02 15.41 -17.64
N LEU B 126 -19.31 15.72 -16.56
CA LEU B 126 -17.85 15.88 -16.60
C LEU B 126 -17.14 14.59 -16.96
N LEU B 127 -17.79 13.44 -16.68
CA LEU B 127 -17.19 12.16 -17.02
C LEU B 127 -17.52 11.73 -18.45
N GLY B 128 -18.25 12.56 -19.18
CA GLY B 128 -18.55 12.22 -20.55
C GLY B 128 -20.01 12.19 -20.92
N GLY B 129 -20.90 12.13 -19.93
CA GLY B 129 -22.33 12.24 -20.19
C GLY B 129 -23.07 10.96 -19.88
N LYS B 130 -24.32 11.08 -19.45
CA LYS B 130 -25.02 9.91 -18.93
C LYS B 130 -25.68 9.04 -19.99
N TYR B 131 -25.50 7.73 -19.84
CA TYR B 131 -26.07 6.75 -20.74
C TYR B 131 -27.42 6.21 -20.25
N ARG B 132 -27.76 6.50 -19.00
CA ARG B 132 -28.95 5.90 -18.37
C ARG B 132 -29.49 6.77 -17.24
N ASP B 133 -30.79 6.65 -16.98
CA ASP B 133 -31.47 7.43 -15.94
C ASP B 133 -31.54 6.69 -14.62
N LYS B 134 -31.23 5.40 -14.65
CA LYS B 134 -31.14 4.58 -13.46
C LYS B 134 -30.24 3.39 -13.69
N ILE B 135 -29.74 2.83 -12.59
CA ILE B 135 -28.77 1.74 -12.64
C ILE B 135 -29.34 0.52 -11.92
N ARG B 136 -29.33 -0.63 -12.61
CA ARG B 136 -29.70 -1.91 -12.01
C ARG B 136 -28.80 -2.25 -10.82
N CYS B 137 -29.41 -2.70 -9.71
CA CYS B 137 -28.64 -3.08 -8.53
C CYS B 137 -28.72 -4.54 -8.19
N TYR B 138 -27.70 -5.03 -7.50
CA TYR B 138 -27.80 -6.28 -6.80
C TYR B 138 -27.69 -6.05 -5.29
N GLY B 139 -28.30 -6.94 -4.53
CA GLY B 139 -28.32 -6.81 -3.07
C GLY B 139 -27.43 -7.83 -2.42
N THR B 140 -26.98 -7.52 -1.21
CA THR B 140 -26.07 -8.43 -0.51
C THR B 140 -26.52 -8.74 0.92
N PHE B 141 -26.21 -9.95 1.37
CA PHE B 141 -26.42 -10.30 2.76
C PHE B 141 -25.31 -11.19 3.32
N ILE B 142 -25.06 -11.05 4.61
CA ILE B 142 -24.30 -12.03 5.38
C ILE B 142 -25.32 -13.14 5.68
N PRO B 143 -25.02 -14.39 5.27
CA PRO B 143 -25.98 -15.47 5.47
C PRO B 143 -26.03 -15.93 6.94
N ALA B 144 -27.23 -16.26 7.42
CA ALA B 144 -27.39 -16.81 8.76
C ALA B 144 -26.77 -18.21 8.83
N ASP B 145 -26.22 -18.55 10.01
CA ASP B 145 -25.48 -19.79 10.24
C ASP B 145 -26.28 -21.04 9.87
N LYS B 146 -27.54 -21.08 10.33
CA LYS B 146 -28.48 -22.15 9.99
C LYS B 146 -28.97 -21.93 8.55
N PRO B 147 -28.78 -22.95 7.68
CA PRO B 147 -29.15 -22.91 6.26
C PRO B 147 -30.62 -22.59 6.01
N GLU B 148 -31.51 -23.09 6.88
CA GLU B 148 -32.95 -22.89 6.72
C GLU B 148 -33.44 -21.50 7.14
N ASP B 149 -32.61 -20.76 7.88
CA ASP B 149 -32.94 -19.40 8.32
C ASP B 149 -32.82 -18.35 7.20
N ASN B 150 -32.12 -18.71 6.12
CA ASN B 150 -31.82 -17.79 5.03
C ASN B 150 -32.99 -17.45 4.09
N VAL B 151 -34.04 -18.26 4.14
CA VAL B 151 -35.19 -18.09 3.24
C VAL B 151 -35.98 -16.79 3.47
N ALA B 152 -35.87 -16.25 4.68
CA ALA B 152 -36.55 -14.99 5.04
C ALA B 152 -35.78 -13.76 4.56
N ILE B 153 -34.45 -13.86 4.54
CA ILE B 153 -33.59 -12.77 4.04
C ILE B 153 -33.72 -12.63 2.53
N VAL B 154 -33.65 -13.77 1.83
CA VAL B 154 -33.85 -13.84 0.37
C VAL B 154 -35.20 -13.24 -0.03
N GLN B 155 -36.26 -13.65 0.67
CA GLN B 155 -37.61 -13.13 0.46
C GLN B 155 -37.69 -11.64 0.77
N GLY B 156 -37.03 -11.20 1.83
CA GLY B 156 -36.95 -9.79 2.20
C GLY B 156 -36.38 -8.90 1.10
N LEU B 157 -35.35 -9.41 0.41
CA LEU B 157 -34.76 -8.72 -0.73
C LEU B 157 -35.67 -8.76 -1.97
N LYS B 158 -36.35 -9.89 -2.16
CA LYS B 158 -37.35 -10.07 -3.23
C LYS B 158 -38.49 -9.06 -3.14
N ASP B 159 -38.89 -8.75 -1.91
CA ASP B 159 -39.93 -7.75 -1.62
C ASP B 159 -39.51 -6.34 -2.02
N GLN B 160 -38.21 -6.06 -1.91
CA GLN B 160 -37.66 -4.76 -2.24
C GLN B 160 -37.54 -4.53 -3.75
N GLY B 161 -37.50 -5.62 -4.52
CA GLY B 161 -37.45 -5.54 -5.97
C GLY B 161 -36.15 -6.04 -6.60
N PHE B 162 -35.22 -6.52 -5.77
CA PHE B 162 -33.92 -7.04 -6.21
C PHE B 162 -34.08 -8.24 -7.14
N SER B 163 -33.53 -8.13 -8.35
CA SER B 163 -33.52 -9.23 -9.31
C SER B 163 -32.19 -9.99 -9.27
N SER B 164 -31.29 -9.54 -8.41
CA SER B 164 -29.94 -10.08 -8.34
C SER B 164 -29.42 -9.95 -6.91
N ILE B 165 -28.84 -11.03 -6.38
CA ILE B 165 -28.40 -11.05 -4.99
C ILE B 165 -27.02 -11.68 -4.79
N LYS B 166 -26.29 -11.17 -3.80
CA LYS B 166 -24.99 -11.73 -3.44
C LYS B 166 -24.92 -12.05 -1.95
N PHE B 167 -24.33 -13.19 -1.62
CA PHE B 167 -24.09 -13.51 -0.22
C PHE B 167 -22.68 -14.04 0.05
N GLY B 168 -22.20 -13.70 1.24
CA GLY B 168 -20.93 -14.21 1.74
C GLY B 168 -20.56 -13.59 3.07
N GLY B 169 -19.41 -13.97 3.60
CA GLY B 169 -19.00 -13.57 4.94
C GLY B 169 -19.63 -14.45 6.01
N GLY B 170 -19.27 -14.20 7.27
CA GLY B 170 -19.76 -15.01 8.38
C GLY B 170 -19.18 -16.41 8.38
N VAL B 171 -20.05 -17.40 8.25
CA VAL B 171 -19.64 -18.81 8.29
C VAL B 171 -19.48 -19.41 6.88
N MET B 172 -19.66 -18.55 5.87
CA MET B 172 -19.45 -18.95 4.48
C MET B 172 -17.96 -19.20 4.21
N GLY B 173 -17.67 -20.30 3.53
CA GLY B 173 -16.29 -20.68 3.21
C GLY B 173 -15.76 -21.84 4.03
N ASP B 174 -16.04 -21.84 5.33
CA ASP B 174 -15.46 -22.78 6.31
C ASP B 174 -15.68 -24.26 6.00
N ASP B 175 -16.90 -24.75 6.15
CA ASP B 175 -17.22 -26.15 5.91
C ASP B 175 -17.90 -26.31 4.54
N PRO B 176 -17.37 -27.22 3.69
CA PRO B 176 -17.93 -27.52 2.36
C PRO B 176 -19.40 -27.95 2.37
N ASP B 177 -19.77 -28.77 3.35
CA ASP B 177 -21.16 -29.24 3.48
C ASP B 177 -22.11 -28.11 3.87
N THR B 178 -21.64 -27.24 4.77
CA THR B 178 -22.41 -26.06 5.19
C THR B 178 -22.56 -25.11 4.00
N ASP B 179 -21.45 -24.85 3.31
CA ASP B 179 -21.43 -24.03 2.08
C ASP B 179 -22.49 -24.50 1.08
N TYR B 180 -22.55 -25.81 0.85
CA TYR B 180 -23.55 -26.42 -0.04
C TYR B 180 -24.97 -26.22 0.48
N ALA B 181 -25.14 -26.33 1.80
CA ALA B 181 -26.45 -26.21 2.43
C ALA B 181 -26.99 -24.77 2.44
N ILE B 182 -26.10 -23.79 2.46
CA ILE B 182 -26.48 -22.38 2.35
C ILE B 182 -26.90 -22.08 0.90
N VAL B 183 -26.11 -22.57 -0.06
CA VAL B 183 -26.38 -22.37 -1.50
C VAL B 183 -27.64 -23.14 -1.96
N LYS B 184 -27.90 -24.28 -1.33
CA LYS B 184 -29.15 -25.05 -1.50
C LYS B 184 -30.38 -24.19 -1.25
N ALA B 185 -30.43 -23.59 -0.07
CA ALA B 185 -31.62 -22.91 0.42
C ALA B 185 -31.89 -21.56 -0.25
N VAL B 186 -30.86 -20.95 -0.86
CA VAL B 186 -31.02 -19.62 -1.47
C VAL B 186 -31.51 -19.66 -2.92
N ARG B 187 -31.09 -20.65 -3.70
CA ARG B 187 -31.57 -20.81 -5.07
C ARG B 187 -33.05 -21.25 -5.06
N GLU B 188 -33.39 -22.08 -4.07
CA GLU B 188 -34.76 -22.56 -3.88
C GLU B 188 -35.71 -21.46 -3.40
N ALA B 189 -35.21 -20.57 -2.54
CA ALA B 189 -36.01 -19.46 -2.02
C ALA B 189 -36.18 -18.34 -3.05
N ALA B 190 -35.20 -18.19 -3.93
CA ALA B 190 -35.21 -17.13 -4.93
C ALA B 190 -35.88 -17.56 -6.22
N GLY B 191 -35.88 -18.88 -6.48
CA GLY B 191 -36.37 -19.43 -7.74
C GLY B 191 -35.31 -19.38 -8.82
N PRO B 192 -35.63 -19.92 -10.01
CA PRO B 192 -34.70 -19.92 -11.15
C PRO B 192 -34.49 -18.55 -11.83
N GLU B 193 -35.35 -17.58 -11.52
CA GLU B 193 -35.31 -16.26 -12.15
C GLU B 193 -34.12 -15.42 -11.73
N MET B 194 -33.85 -15.44 -10.43
CA MET B 194 -32.84 -14.57 -9.79
C MET B 194 -31.41 -14.90 -10.19
N GLU B 195 -30.63 -13.86 -10.45
CA GLU B 195 -29.18 -13.97 -10.52
C GLU B 195 -28.69 -14.15 -9.09
N VAL B 196 -27.94 -15.21 -8.84
CA VAL B 196 -27.40 -15.47 -7.50
C VAL B 196 -25.87 -15.58 -7.54
N GLN B 197 -25.20 -14.81 -6.69
CA GLN B 197 -23.74 -14.74 -6.65
C GLN B 197 -23.22 -15.01 -5.25
N ILE B 198 -22.02 -15.60 -5.17
CA ILE B 198 -21.37 -15.84 -3.89
C ILE B 198 -20.08 -15.04 -3.73
N ASP B 199 -19.83 -14.59 -2.50
CA ASP B 199 -18.59 -13.92 -2.14
C ASP B 199 -17.93 -14.56 -0.92
N LEU B 200 -16.85 -15.28 -1.15
CA LEU B 200 -16.21 -16.08 -0.10
C LEU B 200 -15.23 -15.28 0.76
N ALA B 201 -14.86 -14.09 0.30
CA ALA B 201 -13.87 -13.23 0.96
C ALA B 201 -12.56 -13.97 1.27
N SER B 202 -12.08 -14.69 0.25
CA SER B 202 -10.82 -15.44 0.22
C SER B 202 -10.78 -16.76 1.03
N LYS B 203 -11.93 -17.20 1.51
CA LYS B 203 -11.98 -18.32 2.48
C LYS B 203 -11.93 -19.75 1.92
N TRP B 204 -11.88 -19.91 0.60
CA TRP B 204 -11.66 -21.24 0.03
C TRP B 204 -10.17 -21.55 -0.09
N HIS B 205 -9.35 -20.50 0.06
CA HIS B 205 -7.88 -20.55 0.24
C HIS B 205 -6.99 -21.04 -0.91
N THR B 206 -7.39 -22.12 -1.57
CA THR B 206 -6.61 -22.70 -2.66
C THR B 206 -7.55 -22.97 -3.83
N CYS B 207 -7.01 -23.09 -5.05
CA CYS B 207 -7.86 -23.36 -6.21
C CYS B 207 -8.38 -24.79 -6.24
N GLY B 208 -7.64 -25.71 -5.61
CA GLY B 208 -8.06 -27.11 -5.50
C GLY B 208 -9.36 -27.24 -4.74
N HIS B 209 -9.45 -26.54 -3.61
CA HIS B 209 -10.69 -26.48 -2.84
C HIS B 209 -11.75 -25.67 -3.56
N SER B 210 -11.32 -24.65 -4.31
CA SER B 210 -12.23 -23.80 -5.07
C SER B 210 -12.90 -24.48 -6.27
N ALA B 211 -12.12 -25.22 -7.04
CA ALA B 211 -12.60 -25.87 -8.27
C ALA B 211 -13.58 -27.03 -8.02
N MET B 212 -13.48 -27.66 -6.85
CA MET B 212 -14.37 -28.76 -6.47
C MET B 212 -15.81 -28.29 -6.29
N MET B 213 -15.98 -27.13 -5.64
CA MET B 213 -17.29 -26.53 -5.44
C MET B 213 -17.87 -25.96 -6.74
N ALA B 214 -16.99 -25.64 -7.68
CA ALA B 214 -17.39 -25.09 -8.98
C ALA B 214 -18.11 -26.11 -9.87
N LYS B 215 -17.72 -27.39 -9.75
CA LYS B 215 -18.43 -28.47 -10.41
C LYS B 215 -19.65 -28.89 -9.58
N ARG B 216 -19.54 -28.72 -8.26
CA ARG B 216 -20.60 -29.09 -7.33
C ARG B 216 -21.84 -28.19 -7.42
N LEU B 217 -21.61 -26.89 -7.55
CA LEU B 217 -22.68 -25.90 -7.58
C LEU B 217 -22.97 -25.44 -9.01
N GLU B 218 -22.58 -26.26 -9.99
CA GLU B 218 -22.87 -26.01 -11.41
C GLU B 218 -24.36 -26.19 -11.69
N GLU B 219 -25.01 -27.01 -10.87
CA GLU B 219 -26.46 -27.22 -10.94
C GLU B 219 -27.26 -26.02 -10.43
N PHE B 220 -26.64 -25.19 -9.58
CA PHE B 220 -27.30 -24.02 -9.01
C PHE B 220 -27.19 -22.77 -9.88
N ASN B 221 -26.37 -22.87 -10.93
CA ASN B 221 -26.17 -21.82 -11.93
C ASN B 221 -25.91 -20.42 -11.34
N LEU B 222 -24.78 -20.27 -10.66
CA LEU B 222 -24.43 -18.98 -10.05
C LEU B 222 -23.91 -18.01 -11.10
N ASN B 223 -24.28 -16.75 -10.92
CA ASN B 223 -23.88 -15.69 -11.84
C ASN B 223 -22.37 -15.46 -11.77
N TRP B 224 -21.84 -15.33 -10.55
CA TRP B 224 -20.38 -15.31 -10.34
C TRP B 224 -19.90 -15.87 -9.00
N ILE B 225 -18.63 -16.23 -8.96
CA ILE B 225 -17.96 -16.59 -7.72
C ILE B 225 -16.91 -15.53 -7.36
N GLU B 226 -17.13 -14.82 -6.26
CA GLU B 226 -16.29 -13.68 -5.91
C GLU B 226 -15.19 -14.04 -4.91
N GLU B 227 -13.97 -13.63 -5.27
CA GLU B 227 -12.77 -13.82 -4.46
C GLU B 227 -12.67 -15.18 -3.77
N PRO B 228 -12.54 -16.27 -4.57
CA PRO B 228 -12.45 -17.58 -3.93
C PRO B 228 -11.18 -17.68 -3.08
N VAL B 229 -10.09 -17.12 -3.61
CA VAL B 229 -8.80 -17.04 -2.94
C VAL B 229 -8.36 -15.57 -2.85
N LEU B 230 -7.20 -15.33 -2.24
CA LEU B 230 -6.60 -14.00 -2.25
C LEU B 230 -6.12 -13.62 -3.65
N ALA B 231 -6.31 -12.35 -4.00
CA ALA B 231 -5.95 -11.83 -5.32
C ALA B 231 -4.45 -11.68 -5.52
N ASP B 232 -3.69 -11.92 -4.44
CA ASP B 232 -2.22 -11.99 -4.52
C ASP B 232 -1.74 -13.06 -5.49
N SER B 233 -2.41 -14.22 -5.51
CA SER B 233 -2.04 -15.27 -6.46
C SER B 233 -2.83 -15.17 -7.75
N LEU B 234 -2.24 -14.43 -8.70
CA LEU B 234 -2.84 -14.26 -10.03
C LEU B 234 -2.89 -15.61 -10.73
N ILE B 235 -1.85 -16.43 -10.53
CA ILE B 235 -1.81 -17.79 -11.09
C ILE B 235 -2.98 -18.67 -10.62
N SER B 236 -3.33 -18.59 -9.34
CA SER B 236 -4.51 -19.30 -8.77
C SER B 236 -5.84 -18.93 -9.44
N TYR B 237 -6.02 -17.64 -9.73
CA TYR B 237 -7.18 -17.17 -10.49
C TYR B 237 -7.22 -17.72 -11.91
N GLU B 238 -6.14 -17.53 -12.66
CA GLU B 238 -6.02 -18.02 -14.04
C GLU B 238 -6.33 -19.52 -14.13
N LYS B 239 -5.74 -20.30 -13.21
CA LYS B 239 -5.98 -21.74 -13.16
C LYS B 239 -7.43 -22.10 -12.86
N LEU B 240 -8.10 -21.28 -12.06
CA LEU B 240 -9.54 -21.47 -11.82
C LEU B 240 -10.38 -21.21 -13.06
N SER B 241 -9.98 -20.23 -13.86
CA SER B 241 -10.71 -19.87 -15.08
C SER B 241 -10.66 -20.92 -16.20
N ARG B 242 -9.71 -21.85 -16.11
CA ARG B 242 -9.54 -22.88 -17.13
C ARG B 242 -10.41 -24.11 -16.85
N GLN B 243 -11.01 -24.16 -15.66
CA GLN B 243 -11.74 -25.36 -15.21
C GLN B 243 -13.06 -25.06 -14.47
N VAL B 244 -13.44 -23.80 -14.39
CA VAL B 244 -14.66 -23.42 -13.69
C VAL B 244 -15.75 -23.01 -14.70
N SER B 245 -16.97 -23.47 -14.44
CA SER B 245 -18.13 -23.12 -15.26
C SER B 245 -18.57 -21.67 -15.03
N GLN B 246 -18.61 -21.28 -13.76
CA GLN B 246 -19.11 -19.97 -13.33
C GLN B 246 -18.11 -18.84 -13.60
N LYS B 247 -18.62 -17.61 -13.62
CA LYS B 247 -17.75 -16.45 -13.80
C LYS B 247 -16.93 -16.16 -12.55
N ILE B 248 -15.72 -15.65 -12.73
CA ILE B 248 -14.83 -15.33 -11.59
C ILE B 248 -14.72 -13.81 -11.45
N ALA B 249 -14.89 -13.34 -10.21
CA ALA B 249 -14.83 -11.92 -9.86
C ALA B 249 -13.80 -11.66 -8.78
N GLY B 250 -13.14 -10.50 -8.87
CA GLY B 250 -12.24 -10.08 -7.81
C GLY B 250 -11.77 -8.65 -8.00
N GLY B 251 -10.93 -8.20 -7.06
CA GLY B 251 -10.17 -6.96 -7.26
C GLY B 251 -10.51 -5.85 -6.30
N GLU B 252 -11.47 -6.07 -5.40
CA GLU B 252 -11.95 -5.01 -4.51
C GLU B 252 -10.90 -4.36 -3.61
N SER B 253 -9.88 -5.11 -3.22
CA SER B 253 -8.88 -4.56 -2.33
C SER B 253 -7.68 -3.93 -3.07
N LEU B 254 -7.66 -4.00 -4.39
CA LEU B 254 -6.52 -3.46 -5.16
C LEU B 254 -6.55 -1.93 -5.27
N THR B 255 -5.38 -1.35 -5.54
CA THR B 255 -5.22 0.11 -5.63
C THR B 255 -4.30 0.44 -6.80
N THR B 256 -4.68 1.49 -7.53
CA THR B 256 -4.03 2.05 -8.74
C THR B 256 -4.25 1.24 -9.98
N ARG B 257 -4.20 1.93 -11.12
CA ARG B 257 -4.29 1.29 -12.42
CA ARG B 257 -4.34 1.25 -12.39
C ARG B 257 -3.25 0.18 -12.58
N TYR B 258 -2.18 0.22 -11.78
CA TYR B 258 -1.10 -0.74 -11.96
C TYR B 258 -1.48 -2.11 -11.45
N GLU B 259 -2.11 -2.13 -10.28
CA GLU B 259 -2.59 -3.39 -9.73
C GLU B 259 -3.72 -3.95 -10.56
N PHE B 260 -4.63 -3.08 -10.99
CA PHE B 260 -5.73 -3.53 -11.83
C PHE B 260 -5.28 -4.02 -13.19
N GLN B 261 -4.31 -3.36 -13.81
CA GLN B 261 -3.77 -3.81 -15.09
C GLN B 261 -3.22 -5.23 -14.95
N GLU B 262 -2.51 -5.51 -13.86
CA GLU B 262 -1.98 -6.86 -13.64
C GLU B 262 -3.10 -7.89 -13.40
N PHE B 263 -4.04 -7.54 -12.54
CA PHE B 263 -5.16 -8.42 -12.19
C PHE B 263 -5.97 -8.76 -13.45
N ILE B 264 -6.44 -7.73 -14.14
CA ILE B 264 -7.23 -7.86 -15.35
C ILE B 264 -6.54 -8.74 -16.41
N THR B 265 -5.26 -8.49 -16.68
CA THR B 265 -4.58 -9.20 -17.77
C THR B 265 -4.02 -10.57 -17.38
N LYS B 266 -3.75 -10.80 -16.10
CA LYS B 266 -3.09 -12.06 -15.71
C LYS B 266 -4.01 -13.05 -14.99
N SER B 267 -5.16 -12.57 -14.53
CA SER B 267 -6.05 -13.40 -13.72
C SER B 267 -7.11 -14.12 -14.54
N ASN B 268 -7.35 -13.62 -15.76
CA ASN B 268 -8.44 -14.13 -16.63
CA ASN B 268 -8.45 -14.05 -16.63
C ASN B 268 -9.81 -14.08 -15.92
N ALA B 269 -9.95 -13.19 -14.94
CA ALA B 269 -11.25 -13.01 -14.30
C ALA B 269 -12.22 -12.38 -15.30
N ASP B 270 -13.50 -12.67 -15.11
CA ASP B 270 -14.53 -12.19 -16.00
C ASP B 270 -14.97 -10.83 -15.53
N ILE B 271 -14.87 -10.64 -14.21
CA ILE B 271 -15.38 -9.46 -13.54
C ILE B 271 -14.32 -8.85 -12.63
N VAL B 272 -14.09 -7.54 -12.79
CA VAL B 272 -13.19 -6.76 -11.94
C VAL B 272 -14.00 -5.76 -11.10
N GLN B 273 -13.66 -5.66 -9.82
CA GLN B 273 -14.45 -4.92 -8.84
C GLN B 273 -13.70 -3.81 -8.10
N PRO B 274 -13.25 -2.75 -8.81
CA PRO B 274 -12.63 -1.68 -8.02
C PRO B 274 -13.62 -1.01 -7.07
N ASP B 275 -13.11 -0.56 -5.92
CA ASP B 275 -13.88 0.28 -5.00
C ASP B 275 -13.41 1.70 -5.24
N ILE B 276 -14.35 2.57 -5.57
CA ILE B 276 -14.11 3.99 -5.93
C ILE B 276 -13.44 4.77 -4.80
N THR B 277 -13.61 4.31 -3.57
CA THR B 277 -13.07 4.97 -2.38
C THR B 277 -11.76 4.33 -1.90
N ARG B 278 -11.26 3.36 -2.67
CA ARG B 278 -9.98 2.70 -2.41
C ARG B 278 -8.99 2.73 -3.58
N CYS B 279 -9.48 2.63 -4.82
CA CYS B 279 -8.64 2.32 -5.98
C CYS B 279 -7.80 3.53 -6.43
N GLY B 280 -8.14 4.71 -5.94
CA GLY B 280 -7.60 5.97 -6.47
C GLY B 280 -8.65 7.02 -6.76
N GLY B 281 -9.93 6.68 -6.59
CA GLY B 281 -10.98 7.71 -6.66
C GLY B 281 -11.60 7.63 -8.04
N ILE B 282 -12.38 8.64 -8.40
CA ILE B 282 -13.02 8.70 -9.72
C ILE B 282 -11.96 8.84 -10.84
N THR B 283 -10.98 9.69 -10.64
CA THR B 283 -9.95 9.78 -11.67
C THR B 283 -9.37 8.42 -12.03
N GLU B 284 -8.94 7.65 -11.02
CA GLU B 284 -8.31 6.35 -11.30
C GLU B 284 -9.26 5.29 -11.82
N MET B 285 -10.46 5.25 -11.23
CA MET B 285 -11.56 4.39 -11.71
C MET B 285 -11.80 4.52 -13.23
N LYS B 286 -11.73 5.72 -13.75
CA LYS B 286 -11.87 5.94 -15.16
CA LYS B 286 -11.91 5.99 -15.17
C LYS B 286 -10.80 5.22 -15.95
N LYS B 287 -9.57 5.34 -15.52
CA LYS B 287 -8.46 4.66 -16.20
CA LYS B 287 -8.46 4.66 -16.20
C LYS B 287 -8.61 3.15 -16.10
N ILE B 288 -9.11 2.69 -14.96
CA ILE B 288 -9.28 1.23 -14.73
C ILE B 288 -10.40 0.73 -15.65
N TYR B 289 -11.47 1.52 -15.79
CA TYR B 289 -12.52 1.20 -16.76
C TYR B 289 -11.99 1.05 -18.18
N ASP B 290 -11.09 1.94 -18.61
CA ASP B 290 -10.54 1.83 -19.96
C ASP B 290 -9.75 0.53 -20.18
N ILE B 291 -8.97 0.17 -19.17
CA ILE B 291 -8.20 -1.06 -19.22
C ILE B 291 -9.13 -2.28 -19.28
N ALA B 292 -10.16 -2.27 -18.44
CA ALA B 292 -11.15 -3.35 -18.44
C ALA B 292 -11.82 -3.50 -19.82
N GLN B 293 -12.23 -2.38 -20.40
CA GLN B 293 -12.80 -2.37 -21.75
C GLN B 293 -11.87 -2.92 -22.81
N MET B 294 -10.59 -2.54 -22.78
CA MET B 294 -9.61 -3.03 -23.76
CA MET B 294 -9.63 -3.03 -23.77
C MET B 294 -9.43 -4.55 -23.68
N ASN B 295 -9.67 -5.11 -22.50
CA ASN B 295 -9.46 -6.56 -22.25
C ASN B 295 -10.72 -7.42 -22.21
N GLY B 296 -11.89 -6.80 -22.45
CA GLY B 296 -13.16 -7.53 -22.45
C GLY B 296 -13.64 -7.97 -21.08
N THR B 297 -13.13 -7.32 -20.05
CA THR B 297 -13.44 -7.59 -18.66
C THR B 297 -14.56 -6.66 -18.17
N GLN B 298 -15.60 -7.24 -17.55
CA GLN B 298 -16.71 -6.45 -16.99
C GLN B 298 -16.33 -5.79 -15.67
N LEU B 299 -16.58 -4.49 -15.57
CA LEU B 299 -16.30 -3.78 -14.34
C LEU B 299 -17.61 -3.60 -13.56
N ILE B 300 -17.69 -4.24 -12.40
CA ILE B 300 -18.80 -4.02 -11.47
C ILE B 300 -18.20 -3.48 -10.19
N PRO B 301 -18.44 -2.20 -9.88
CA PRO B 301 -17.75 -1.62 -8.72
C PRO B 301 -18.10 -2.25 -7.37
N HIS B 302 -17.14 -2.22 -6.44
CA HIS B 302 -17.35 -2.68 -5.08
CA HIS B 302 -17.36 -2.68 -5.07
C HIS B 302 -17.59 -1.48 -4.18
N GLY B 303 -18.43 -1.65 -3.16
CA GLY B 303 -18.54 -0.58 -2.20
C GLY B 303 -19.71 -0.64 -1.27
N PHE B 304 -19.40 -0.53 0.01
CA PHE B 304 -20.40 -0.34 1.04
C PHE B 304 -19.82 0.49 2.18
N SER B 305 -20.27 1.74 2.27
CA SER B 305 -19.89 2.63 3.36
C SER B 305 -21.01 3.61 3.67
N THR B 306 -20.99 4.77 3.00
CA THR B 306 -22.02 5.79 3.18
C THR B 306 -22.62 6.23 1.84
N GLY B 307 -23.47 7.25 1.90
CA GLY B 307 -24.07 7.83 0.70
C GLY B 307 -23.04 8.54 -0.17
N ILE B 308 -21.88 8.84 0.42
CA ILE B 308 -20.77 9.43 -0.37
C ILE B 308 -20.29 8.44 -1.43
N LEU B 309 -19.88 7.23 -1.02
CA LEU B 309 -19.52 6.18 -1.95
C LEU B 309 -20.62 5.92 -2.98
N LEU B 310 -21.87 5.87 -2.50
CA LEU B 310 -23.02 5.63 -3.36
C LEU B 310 -23.17 6.70 -4.46
N HIS B 311 -23.13 7.97 -4.06
CA HIS B 311 -23.27 9.07 -5.02
C HIS B 311 -22.11 9.09 -6.02
N ALA B 312 -20.89 8.80 -5.56
CA ALA B 312 -19.72 8.71 -6.47
C ALA B 312 -19.86 7.55 -7.44
N SER B 313 -20.30 6.39 -6.96
CA SER B 313 -20.43 5.21 -7.82
C SER B 313 -21.53 5.35 -8.87
N VAL B 314 -22.64 5.98 -8.49
CA VAL B 314 -23.75 6.21 -9.43
C VAL B 314 -23.34 7.21 -10.52
N HIS B 315 -22.70 8.31 -10.12
CA HIS B 315 -22.22 9.29 -11.09
C HIS B 315 -21.23 8.65 -12.04
N PHE B 316 -20.33 7.81 -11.52
CA PHE B 316 -19.43 7.05 -12.39
C PHE B 316 -20.10 6.13 -13.38
N LEU B 317 -20.91 5.20 -12.87
CA LEU B 317 -21.56 4.22 -13.72
C LEU B 317 -22.50 4.82 -14.76
N ALA B 318 -23.20 5.91 -14.40
CA ALA B 318 -24.06 6.63 -15.34
C ALA B 318 -23.32 7.09 -16.59
N ALA B 319 -22.06 7.44 -16.40
CA ALA B 319 -21.22 7.94 -17.49
C ALA B 319 -20.44 6.84 -18.22
N CYS B 320 -20.70 5.57 -17.89
CA CYS B 320 -20.04 4.45 -18.56
C CYS B 320 -21.01 3.78 -19.48
N GLU B 321 -20.59 3.56 -20.72
CA GLU B 321 -21.39 2.83 -21.70
C GLU B 321 -21.82 1.47 -21.14
N GLN B 322 -20.94 0.80 -20.41
CA GLN B 322 -21.26 -0.49 -19.83
C GLN B 322 -21.45 -0.41 -18.31
N GLY B 323 -21.92 0.74 -17.82
CA GLY B 323 -22.14 0.92 -16.37
C GLY B 323 -23.53 0.44 -15.95
N THR B 324 -23.77 -0.85 -16.15
CA THR B 324 -25.13 -1.41 -16.09
C THR B 324 -25.46 -2.18 -14.80
N LEU B 325 -24.50 -2.37 -13.89
CA LEU B 325 -24.79 -3.02 -12.61
C LEU B 325 -23.98 -2.49 -11.44
N MET B 326 -24.66 -2.23 -10.32
CA MET B 326 -24.05 -1.73 -9.10
C MET B 326 -24.44 -2.57 -7.88
N GLU B 327 -23.50 -2.73 -6.95
CA GLU B 327 -23.77 -3.27 -5.62
C GLU B 327 -24.60 -2.26 -4.82
N PHE B 328 -25.72 -2.72 -4.26
CA PHE B 328 -26.44 -1.90 -3.27
C PHE B 328 -26.58 -2.68 -1.98
N SER B 329 -25.57 -2.57 -1.13
CA SER B 329 -25.62 -3.20 0.17
C SER B 329 -26.36 -2.28 1.13
N GLN B 330 -27.07 -2.88 2.06
CA GLN B 330 -27.87 -2.15 3.02
C GLN B 330 -27.50 -2.51 4.44
N SER B 331 -27.53 -1.50 5.31
CA SER B 331 -27.42 -1.71 6.74
C SER B 331 -28.33 -0.71 7.44
N SER B 332 -28.70 -1.03 8.66
CA SER B 332 -29.48 -0.13 9.48
C SER B 332 -28.60 0.97 10.08
N SER B 333 -27.28 0.80 9.95
CA SER B 333 -26.28 1.75 10.46
C SER B 333 -26.60 3.18 10.04
N PRO B 334 -26.63 4.11 11.00
CA PRO B 334 -26.92 5.53 10.78
C PRO B 334 -25.90 6.26 9.90
N LEU B 335 -24.69 5.71 9.80
CA LEU B 335 -23.68 6.26 8.89
C LEU B 335 -24.05 5.98 7.43
N PHE B 336 -24.58 4.78 7.16
CA PHE B 336 -25.07 4.45 5.83
C PHE B 336 -26.36 5.19 5.47
N THR B 337 -27.34 5.15 6.37
CA THR B 337 -28.68 5.62 6.04
C THR B 337 -28.83 7.13 6.06
N SER B 338 -28.07 7.81 6.92
CA SER B 338 -28.45 9.17 7.28
C SER B 338 -27.39 10.28 7.14
N LEU B 339 -26.12 9.91 6.94
CA LEU B 339 -25.05 10.92 6.79
C LEU B 339 -25.29 11.86 5.61
N VAL B 340 -25.78 11.33 4.50
CA VAL B 340 -26.06 12.12 3.33
C VAL B 340 -27.56 12.40 3.36
N LYS B 341 -27.93 13.68 3.42
CA LYS B 341 -29.32 14.07 3.69
C LYS B 341 -30.28 13.68 2.58
N ASN B 342 -29.90 13.99 1.35
CA ASN B 342 -30.74 13.79 0.18
C ASN B 342 -30.46 12.48 -0.54
N GLN B 343 -30.05 11.46 0.22
CA GLN B 343 -29.47 10.22 -0.31
C GLN B 343 -30.32 9.54 -1.37
N LEU B 344 -29.66 9.05 -2.43
CA LEU B 344 -30.31 8.28 -3.47
C LEU B 344 -30.84 6.99 -2.87
N GLN B 345 -32.02 6.59 -3.32
CA GLN B 345 -32.69 5.44 -2.75
C GLN B 345 -32.80 4.31 -3.75
N PHE B 346 -32.62 3.10 -3.24
CA PHE B 346 -32.96 1.91 -3.99
C PHE B 346 -34.48 1.86 -4.18
N ASP B 347 -34.90 1.53 -5.40
CA ASP B 347 -36.29 1.65 -5.80
C ASP B 347 -36.64 0.57 -6.80
N ASN B 348 -37.18 -0.54 -6.30
CA ASN B 348 -37.74 -1.64 -7.11
C ASN B 348 -36.79 -2.18 -8.19
N GLY B 349 -35.57 -2.49 -7.79
CA GLY B 349 -34.55 -3.04 -8.70
C GLY B 349 -33.43 -2.06 -9.07
N PHE B 350 -33.68 -0.77 -8.89
CA PHE B 350 -32.86 0.26 -9.51
C PHE B 350 -32.57 1.42 -8.55
N VAL B 351 -31.49 2.15 -8.82
CA VAL B 351 -31.23 3.43 -8.15
C VAL B 351 -31.26 4.49 -9.22
N ALA B 352 -32.01 5.56 -8.98
CA ALA B 352 -32.12 6.65 -9.94
C ALA B 352 -30.83 7.46 -10.06
N VAL B 353 -30.54 7.97 -11.27
CA VAL B 353 -29.38 8.84 -11.48
C VAL B 353 -29.69 10.32 -11.13
N SER B 354 -28.91 10.87 -10.20
CA SER B 354 -29.03 12.28 -9.85
C SER B 354 -28.39 13.22 -10.88
N ASP B 355 -29.11 14.29 -11.23
CA ASP B 355 -28.59 15.33 -12.13
C ASP B 355 -28.20 16.61 -11.40
N ALA B 356 -28.20 16.60 -10.07
CA ALA B 356 -27.77 17.77 -9.32
C ALA B 356 -26.27 18.01 -9.59
N PRO B 357 -25.82 19.27 -9.55
CA PRO B 357 -24.38 19.53 -9.76
C PRO B 357 -23.46 18.85 -8.73
N GLY B 358 -22.25 18.51 -9.16
CA GLY B 358 -21.34 17.69 -8.34
C GLY B 358 -21.88 16.31 -8.10
N LEU B 359 -21.67 15.83 -6.88
CA LEU B 359 -22.16 14.52 -6.51
C LEU B 359 -23.53 14.57 -5.87
N GLY B 360 -24.09 15.77 -5.73
CA GLY B 360 -25.40 15.96 -5.08
C GLY B 360 -25.44 15.53 -3.63
N ILE B 361 -24.45 15.97 -2.86
CA ILE B 361 -24.29 15.51 -1.47
C ILE B 361 -24.47 16.67 -0.49
N GLU B 362 -25.52 16.57 0.33
CA GLU B 362 -25.70 17.45 1.47
C GLU B 362 -25.56 16.62 2.74
N LEU B 363 -24.61 16.98 3.59
CA LEU B 363 -24.30 16.20 4.77
C LEU B 363 -25.15 16.57 5.97
N ASP B 364 -25.61 15.54 6.69
CA ASP B 364 -26.32 15.70 7.95
C ASP B 364 -25.33 16.16 9.01
N GLU B 365 -25.30 17.47 9.21
CA GLU B 365 -24.35 18.12 10.11
C GLU B 365 -24.59 17.83 11.61
N GLU B 366 -25.85 17.54 11.96
CA GLU B 366 -26.17 17.10 13.33
C GLU B 366 -25.54 15.74 13.62
N LEU B 367 -25.66 14.83 12.65
CA LEU B 367 -25.14 13.46 12.75
C LEU B 367 -23.62 13.42 12.85
N ILE B 368 -22.95 14.30 12.10
CA ILE B 368 -21.49 14.47 12.18
C ILE B 368 -21.03 14.77 13.62
N ALA B 369 -21.64 15.78 14.25
CA ALA B 369 -21.38 16.12 15.67
C ALA B 369 -21.61 14.96 16.65
N LYS B 370 -22.67 14.19 16.41
CA LYS B 370 -23.06 13.06 17.26
C LYS B 370 -22.03 11.91 17.23
N TYR B 371 -21.47 11.64 16.04
CA TYR B 371 -20.66 10.43 15.86
C TYR B 371 -19.17 10.65 15.60
N ARG B 372 -18.74 11.91 15.55
CA ARG B 372 -17.31 12.21 15.38
C ARG B 372 -16.42 11.76 16.54
N VAL B 373 -15.29 11.16 16.19
CA VAL B 373 -14.29 10.66 17.13
C VAL B 373 -13.25 11.75 17.33
N ASN B 374 -12.93 12.46 16.24
CA ASN B 374 -12.01 13.60 16.30
C ASN B 374 -12.79 14.91 16.24
MG MG C . 17.48 4.74 -4.09
O4 UNL D . 29.20 -7.30 -5.98
C4 UNL D . 28.89 -6.21 -6.52
N3 UNL D . 28.12 -6.18 -7.61
C2 UNL D . 27.78 -5.02 -8.20
O2 UNL D . 27.05 -5.03 -9.21
C5 UNL D . 29.37 -5.02 -5.99
C6 UNL D . 29.01 -3.85 -6.62
N1 UNL D . 28.23 -3.87 -7.70
C1 GOL E . 32.66 -12.07 0.86
O1 GOL E . 32.00 -11.03 1.54
C2 GOL E . 32.28 -13.41 1.48
O2 GOL E . 33.41 -14.06 2.01
C3 GOL E . 31.59 -14.29 0.44
O3 GOL E . 31.10 -15.44 1.09
MG MG F . -16.46 -8.84 -1.93
CA UNL G . -11.77 16.34 -15.66
C UNL G . -11.66 17.71 -15.07
O UNL G . -12.65 18.47 -15.06
OXT UNL G . -10.58 18.19 -14.58
#